data_2RMC
#
_entry.id   2RMC
#
_cell.length_a   60.300
_cell.length_b   74.000
_cell.length_c   97.900
_cell.angle_alpha   90.00
_cell.angle_beta   90.00
_cell.angle_gamma   90.00
#
_symmetry.space_group_name_H-M   'P 1 21 1'
#
loop_
_entity.id
_entity.type
_entity.pdbx_description
1 polymer 'PEPTIDYL-PROLYL CIS-TRANS ISOMERASE C'
2 polymer 'CYCLOSPORIN A'
3 water water
#
loop_
_entity_poly.entity_id
_entity_poly.type
_entity_poly.pdbx_seq_one_letter_code
_entity_poly.pdbx_strand_id
1 'polypeptide(L)'
;KRGPSVTDKVFFDVRIGDKDVGRIVIGLFGNVVPKTVENFVALATGEKGYGYKGSIFHRVIKDFMIQGGDFTARDGTGGM
SIYGETFPDENFKLKHYGIGWVSMANAGPDTNGSQFFITLTKPTWLDGKHVVFGKVLDGMTVVHSIELQATDGHDRPLTD
CTIVNSGKIDVKTPFVVEVPDW
;
A,C,E,G
2 'polypeptide(L)' (DAL)(MLE)(MLE)(MVA)(BMT)(ABA)(SAR)(MLE)V(MLE)A B,D,F,H
#
# COMPACT_ATOMS: atom_id res chain seq x y z
N LYS A 1 -33.65 20.66 14.76
CA LYS A 1 -34.00 22.06 14.78
C LYS A 1 -32.69 22.79 15.03
N ARG A 2 -32.17 22.93 16.27
CA ARG A 2 -31.00 23.75 16.49
C ARG A 2 -29.79 22.98 16.99
N GLY A 3 -28.72 23.17 16.25
CA GLY A 3 -27.47 22.53 16.56
C GLY A 3 -26.52 22.78 15.39
N PRO A 4 -25.27 22.33 15.50
CA PRO A 4 -24.33 22.40 14.38
C PRO A 4 -24.66 21.38 13.30
N SER A 5 -24.25 21.66 12.07
CA SER A 5 -24.48 20.72 11.00
C SER A 5 -23.29 19.83 10.67
N VAL A 6 -23.57 18.57 10.40
CA VAL A 6 -22.55 17.63 9.93
C VAL A 6 -22.35 17.97 8.45
N THR A 7 -21.10 18.28 8.06
CA THR A 7 -20.77 18.57 6.67
C THR A 7 -19.98 17.49 5.95
N ASP A 8 -19.36 16.62 6.74
CA ASP A 8 -18.43 15.61 6.23
C ASP A 8 -18.51 14.39 7.13
N LYS A 9 -18.13 13.23 6.61
CA LYS A 9 -18.05 12.03 7.44
C LYS A 9 -16.74 11.32 7.17
N VAL A 10 -16.25 10.63 8.17
CA VAL A 10 -15.02 9.82 8.06
C VAL A 10 -15.35 8.46 8.63
N PHE A 11 -14.87 7.37 8.04
CA PHE A 11 -15.07 6.03 8.57
C PHE A 11 -13.72 5.45 9.00
N PHE A 12 -13.76 4.55 9.98
CA PHE A 12 -12.59 3.81 10.43
C PHE A 12 -13.06 2.36 10.51
N ASP A 13 -12.42 1.44 9.81
CA ASP A 13 -12.69 0.02 9.88
C ASP A 13 -11.65 -0.48 10.88
N VAL A 14 -12.13 -1.19 11.91
CA VAL A 14 -11.32 -1.58 13.04
C VAL A 14 -11.18 -3.08 13.18
N ARG A 15 -9.95 -3.48 13.52
CA ARG A 15 -9.61 -4.87 13.78
C ARG A 15 -8.93 -4.91 15.16
N ILE A 16 -9.31 -5.86 15.99
CA ILE A 16 -8.74 -6.00 17.32
C ILE A 16 -8.03 -7.34 17.20
N GLY A 17 -6.71 -7.34 17.10
CA GLY A 17 -5.96 -8.56 16.83
C GLY A 17 -6.19 -8.86 15.37
N ASP A 18 -6.83 -9.98 15.07
CA ASP A 18 -7.11 -10.28 13.69
C ASP A 18 -8.58 -10.54 13.50
N LYS A 19 -9.38 -9.94 14.39
CA LYS A 19 -10.80 -10.04 14.21
C LYS A 19 -11.30 -8.65 13.88
N ASP A 20 -11.91 -8.57 12.71
CA ASP A 20 -12.54 -7.36 12.20
C ASP A 20 -13.81 -7.13 13.01
N VAL A 21 -13.84 -6.06 13.80
CA VAL A 21 -15.01 -5.82 14.62
C VAL A 21 -15.97 -4.83 13.99
N GLY A 22 -15.64 -4.07 12.94
CA GLY A 22 -16.64 -3.24 12.32
C GLY A 22 -16.16 -1.84 12.08
N ARG A 23 -17.10 -0.99 11.64
CA ARG A 23 -16.83 0.39 11.25
C ARG A 23 -17.34 1.49 12.18
N ILE A 24 -16.55 2.51 12.42
CA ILE A 24 -16.93 3.70 13.16
C ILE A 24 -17.12 4.78 12.10
N VAL A 25 -18.26 5.45 12.09
CA VAL A 25 -18.50 6.58 11.20
C VAL A 25 -18.64 7.84 12.08
N ILE A 26 -17.88 8.88 11.75
CA ILE A 26 -17.83 10.10 12.51
C ILE A 26 -18.34 11.24 11.64
N GLY A 27 -19.30 12.00 12.15
CA GLY A 27 -19.80 13.19 11.51
C GLY A 27 -18.96 14.36 11.96
N LEU A 28 -18.58 15.25 11.05
CA LEU A 28 -17.69 16.35 11.38
C LEU A 28 -18.39 17.69 11.16
N PHE A 29 -18.11 18.64 12.03
CA PHE A 29 -18.75 19.95 12.00
C PHE A 29 -17.85 20.94 11.26
N GLY A 30 -17.86 20.84 9.92
CA GLY A 30 -16.96 21.59 9.05
C GLY A 30 -17.23 23.08 9.05
N ASN A 31 -18.47 23.49 9.34
CA ASN A 31 -18.75 24.93 9.35
C ASN A 31 -18.27 25.62 10.60
N VAL A 32 -18.18 24.85 11.69
CA VAL A 32 -17.80 25.38 12.98
C VAL A 32 -16.28 25.39 13.12
N VAL A 33 -15.62 24.27 12.80
CA VAL A 33 -14.17 24.18 12.96
C VAL A 33 -13.57 23.69 11.64
N PRO A 34 -13.52 24.51 10.59
CA PRO A 34 -13.10 24.08 9.26
C PRO A 34 -11.67 23.53 9.16
N LYS A 35 -10.72 24.20 9.79
CA LYS A 35 -9.33 23.79 9.69
C LYS A 35 -9.07 22.49 10.42
N THR A 36 -9.72 22.28 11.58
CA THR A 36 -9.57 21.06 12.34
C THR A 36 -10.24 19.92 11.59
N VAL A 37 -11.38 20.14 10.96
CA VAL A 37 -12.03 19.09 10.18
C VAL A 37 -11.23 18.72 8.93
N GLU A 38 -10.68 19.72 8.22
CA GLU A 38 -9.95 19.45 6.98
C GLU A 38 -8.72 18.57 7.23
N ASN A 39 -8.09 18.83 8.39
CA ASN A 39 -6.95 18.05 8.86
C ASN A 39 -7.32 16.59 9.07
N PHE A 40 -8.35 16.34 9.87
CA PHE A 40 -8.81 14.99 10.20
C PHE A 40 -9.25 14.26 8.94
N VAL A 41 -9.96 14.92 8.02
CA VAL A 41 -10.39 14.28 6.78
C VAL A 41 -9.18 13.88 5.92
N ALA A 42 -8.25 14.80 5.73
CA ALA A 42 -7.05 14.54 4.95
C ALA A 42 -6.26 13.36 5.53
N LEU A 43 -6.12 13.30 6.88
CA LEU A 43 -5.40 12.21 7.52
C LEU A 43 -6.15 10.92 7.41
N ALA A 44 -7.48 10.94 7.38
CA ALA A 44 -8.25 9.72 7.17
C ALA A 44 -8.19 9.21 5.73
N THR A 45 -8.12 10.07 4.71
CA THR A 45 -8.05 9.61 3.33
C THR A 45 -6.65 9.16 2.95
N GLY A 46 -5.67 9.74 3.64
CA GLY A 46 -4.26 9.48 3.41
C GLY A 46 -3.79 10.25 2.18
N GLU A 47 -4.50 11.31 1.79
CA GLU A 47 -4.19 11.98 0.53
C GLU A 47 -2.90 12.80 0.51
N LYS A 48 -2.24 13.02 1.63
CA LYS A 48 -0.97 13.71 1.67
C LYS A 48 0.12 12.66 1.80
N GLY A 49 -0.20 11.37 1.67
CA GLY A 49 0.81 10.34 1.72
C GLY A 49 1.09 9.72 3.09
N TYR A 50 0.41 10.19 4.13
CA TYR A 50 0.54 9.64 5.47
C TYR A 50 -0.84 9.77 6.14
N GLY A 51 -1.08 9.12 7.27
CA GLY A 51 -2.35 9.31 7.96
C GLY A 51 -2.73 8.17 8.88
N TYR A 52 -4.03 8.05 9.16
CA TYR A 52 -4.51 7.09 10.15
C TYR A 52 -4.53 5.63 9.76
N LYS A 53 -4.57 5.20 8.50
CA LYS A 53 -4.60 3.77 8.21
C LYS A 53 -3.36 3.05 8.79
N GLY A 54 -3.60 1.95 9.50
CA GLY A 54 -2.56 1.20 10.18
C GLY A 54 -2.20 1.72 11.59
N SER A 55 -2.73 2.86 12.04
CA SER A 55 -2.44 3.33 13.38
C SER A 55 -3.37 2.61 14.38
N ILE A 56 -3.05 2.64 15.68
CA ILE A 56 -3.78 1.91 16.72
C ILE A 56 -4.42 2.84 17.75
N PHE A 57 -5.32 2.35 18.61
CA PHE A 57 -5.81 3.16 19.72
C PHE A 57 -4.84 2.87 20.85
N HIS A 58 -4.02 3.83 21.20
CA HIS A 58 -2.94 3.52 22.14
C HIS A 58 -3.24 3.72 23.61
N ARG A 59 -4.27 4.48 23.98
CA ARG A 59 -4.59 4.77 25.37
C ARG A 59 -6.10 4.60 25.47
N VAL A 60 -6.55 3.66 26.31
CA VAL A 60 -7.96 3.27 26.43
C VAL A 60 -8.26 3.28 27.93
N ILE A 61 -9.16 4.13 28.40
CA ILE A 61 -9.47 4.20 29.82
C ILE A 61 -11.00 4.09 29.93
N LYS A 62 -11.37 2.97 30.54
CA LYS A 62 -12.76 2.57 30.81
C LYS A 62 -13.58 3.74 31.42
N ASP A 63 -14.78 3.94 30.85
CA ASP A 63 -15.74 4.98 31.23
C ASP A 63 -15.18 6.37 31.04
N PHE A 64 -14.11 6.56 30.25
CA PHE A 64 -13.59 7.89 30.06
C PHE A 64 -13.44 8.14 28.55
N MET A 65 -12.50 7.52 27.84
CA MET A 65 -12.32 7.79 26.42
C MET A 65 -11.36 6.77 25.83
N ILE A 66 -11.30 6.71 24.49
CA ILE A 66 -10.25 5.95 23.80
C ILE A 66 -9.50 6.98 22.98
N GLN A 67 -8.18 6.84 22.86
CA GLN A 67 -7.31 7.81 22.23
C GLN A 67 -6.49 7.15 21.14
N GLY A 68 -6.37 7.80 19.99
CA GLY A 68 -5.59 7.26 18.89
C GLY A 68 -5.00 8.39 18.07
N GLY A 69 -4.57 8.07 16.86
CA GLY A 69 -4.05 9.04 15.92
C GLY A 69 -2.55 9.25 15.94
N ASP A 70 -1.78 8.53 16.76
CA ASP A 70 -0.33 8.72 16.70
C ASP A 70 0.22 7.79 15.65
N PHE A 71 0.26 8.28 14.42
CA PHE A 71 0.79 7.45 13.36
C PHE A 71 2.30 7.61 13.22
N THR A 72 3.01 8.48 13.94
CA THR A 72 4.45 8.51 13.74
C THR A 72 5.15 7.71 14.83
N ALA A 73 4.93 7.97 16.13
CA ALA A 73 5.60 7.21 17.18
C ALA A 73 4.77 6.07 17.77
N ARG A 74 3.45 6.01 17.52
CA ARG A 74 2.55 4.94 17.97
C ARG A 74 2.46 4.68 19.48
N ASP A 75 2.87 5.64 20.28
CA ASP A 75 2.91 5.48 21.72
C ASP A 75 2.23 6.64 22.43
N GLY A 76 2.05 7.77 21.78
CA GLY A 76 1.41 8.91 22.38
C GLY A 76 2.27 10.14 22.31
N THR A 77 3.53 10.03 21.90
CA THR A 77 4.37 11.20 21.86
C THR A 77 4.34 11.89 20.51
N GLY A 78 3.87 11.25 19.45
CA GLY A 78 3.97 11.86 18.13
C GLY A 78 2.68 12.30 17.49
N GLY A 79 2.57 11.94 16.22
CA GLY A 79 1.49 12.37 15.35
C GLY A 79 1.89 13.69 14.68
N MET A 80 1.10 14.15 13.71
CA MET A 80 1.42 15.37 12.99
C MET A 80 0.25 15.91 12.18
N SER A 81 0.07 17.21 12.00
CA SER A 81 -1.04 17.71 11.20
C SER A 81 -0.62 18.00 9.76
N ILE A 82 -1.60 18.22 8.87
CA ILE A 82 -1.30 18.63 7.51
C ILE A 82 -0.82 20.08 7.46
N TYR A 83 -0.81 20.83 8.58
CA TYR A 83 -0.33 22.20 8.64
C TYR A 83 1.05 22.28 9.29
N GLY A 84 1.69 21.16 9.59
CA GLY A 84 2.94 21.20 10.31
C GLY A 84 2.80 20.37 11.57
N GLU A 85 3.84 20.28 12.36
CA GLU A 85 3.81 19.48 13.57
C GLU A 85 2.68 19.81 14.54
N THR A 86 2.31 21.09 14.69
CA THR A 86 1.17 21.43 15.51
C THR A 86 0.40 22.55 14.82
N PHE A 87 -0.85 22.80 15.19
CA PHE A 87 -1.55 23.96 14.71
C PHE A 87 -2.40 24.49 15.88
N PRO A 88 -2.77 25.78 15.87
CA PRO A 88 -3.47 26.43 16.97
C PRO A 88 -4.85 25.86 17.23
N ASP A 89 -5.37 26.11 18.41
CA ASP A 89 -6.71 25.71 18.78
C ASP A 89 -7.62 26.63 17.99
N GLU A 90 -8.43 26.06 17.09
CA GLU A 90 -9.25 26.85 16.20
C GLU A 90 -10.26 27.69 16.96
N ASN A 91 -11.04 27.09 17.85
CA ASN A 91 -11.98 27.81 18.70
C ASN A 91 -12.49 26.75 19.65
N PHE A 92 -13.27 27.16 20.63
CA PHE A 92 -13.82 26.20 21.57
C PHE A 92 -15.32 26.37 21.52
N LYS A 93 -15.94 26.40 20.33
CA LYS A 93 -17.37 26.65 20.27
C LYS A 93 -18.10 25.41 20.75
N LEU A 94 -17.61 24.21 20.41
CA LEU A 94 -18.29 23.00 20.86
C LEU A 94 -17.75 22.48 22.17
N LYS A 95 -18.65 21.91 22.97
CA LYS A 95 -18.31 21.37 24.27
C LYS A 95 -18.30 19.86 24.10
N HIS A 96 -17.79 19.12 25.08
CA HIS A 96 -17.78 17.66 25.03
C HIS A 96 -19.14 17.29 25.61
N TYR A 97 -20.17 17.36 24.79
CA TYR A 97 -21.53 17.28 25.29
C TYR A 97 -21.94 15.98 25.92
N GLY A 98 -21.35 14.86 25.54
CA GLY A 98 -21.73 13.58 26.05
C GLY A 98 -20.91 12.49 25.41
N ILE A 99 -21.40 11.27 25.53
CA ILE A 99 -20.73 10.10 25.02
C ILE A 99 -20.64 10.17 23.48
N GLY A 100 -19.46 9.81 22.97
CA GLY A 100 -19.25 9.68 21.54
C GLY A 100 -18.87 10.97 20.83
N TRP A 101 -18.55 12.04 21.53
CA TRP A 101 -18.07 13.24 20.85
C TRP A 101 -16.57 13.03 20.64
N VAL A 102 -16.05 13.64 19.57
CA VAL A 102 -14.67 13.43 19.13
C VAL A 102 -13.94 14.75 19.26
N SER A 103 -12.76 14.74 19.90
CA SER A 103 -12.01 15.94 20.21
C SER A 103 -10.51 15.74 20.01
N MET A 104 -9.75 16.83 19.91
CA MET A 104 -8.32 16.77 19.73
C MET A 104 -7.58 16.63 21.05
N ALA A 105 -6.70 15.63 21.11
CA ALA A 105 -5.76 15.47 22.22
C ALA A 105 -4.66 16.53 22.02
N ASN A 106 -3.97 17.01 23.04
CA ASN A 106 -2.93 18.00 22.79
C ASN A 106 -1.93 17.93 23.95
N ALA A 107 -0.95 18.81 24.01
CA ALA A 107 -0.01 18.87 25.11
C ALA A 107 0.01 20.32 25.57
N GLY A 108 -1.18 20.90 25.79
CA GLY A 108 -1.31 22.28 26.21
C GLY A 108 -1.84 23.14 25.06
N PRO A 109 -2.03 24.44 25.19
CA PRO A 109 -2.58 25.29 24.14
C PRO A 109 -1.80 25.27 22.83
N ASP A 110 -2.54 25.31 21.73
CA ASP A 110 -2.03 25.29 20.36
C ASP A 110 -0.96 24.25 20.04
N THR A 111 -1.27 22.99 20.34
CA THR A 111 -0.36 21.89 20.04
C THR A 111 -1.14 20.76 19.42
N ASN A 112 -2.18 21.08 18.62
CA ASN A 112 -2.97 20.04 17.97
C ASN A 112 -2.12 19.40 16.88
N GLY A 113 -2.10 18.08 16.73
CA GLY A 113 -1.35 17.39 15.69
C GLY A 113 -2.29 16.44 15.00
N SER A 114 -2.21 15.17 15.31
CA SER A 114 -3.13 14.23 14.72
C SER A 114 -3.91 13.39 15.74
N GLN A 115 -3.52 13.46 17.01
CA GLN A 115 -4.12 12.60 18.02
C GLN A 115 -5.48 13.13 18.44
N PHE A 116 -6.39 12.22 18.69
CA PHE A 116 -7.76 12.58 18.99
C PHE A 116 -8.34 11.56 19.98
N PHE A 117 -9.50 11.85 20.57
CA PHE A 117 -10.18 10.91 21.43
C PHE A 117 -11.69 10.91 21.20
N ILE A 118 -12.32 9.80 21.54
CA ILE A 118 -13.77 9.66 21.45
C ILE A 118 -14.20 9.48 22.91
N THR A 119 -15.10 10.33 23.41
CA THR A 119 -15.52 10.30 24.79
C THR A 119 -16.44 9.12 25.06
N LEU A 120 -16.36 8.62 26.28
CA LEU A 120 -17.25 7.56 26.75
C LEU A 120 -17.95 7.98 28.04
N THR A 121 -17.92 9.28 28.29
CA THR A 121 -18.56 9.92 29.41
C THR A 121 -18.83 11.36 28.97
N LYS A 122 -19.23 12.26 29.86
CA LYS A 122 -19.42 13.67 29.55
C LYS A 122 -18.31 14.45 30.26
N PRO A 123 -17.14 14.67 29.67
CA PRO A 123 -15.97 15.21 30.35
C PRO A 123 -15.90 16.73 30.39
N THR A 124 -16.80 17.30 31.18
CA THR A 124 -16.91 18.75 31.29
C THR A 124 -15.60 19.37 31.75
N TRP A 125 -14.72 18.66 32.50
CA TRP A 125 -13.44 19.24 32.90
C TRP A 125 -12.52 19.53 31.70
N LEU A 126 -12.80 18.97 30.52
CA LEU A 126 -11.99 19.18 29.35
C LEU A 126 -12.48 20.33 28.46
N ASP A 127 -13.72 20.81 28.65
CA ASP A 127 -14.27 21.90 27.88
C ASP A 127 -13.42 23.15 27.96
N GLY A 128 -13.18 23.74 26.80
CA GLY A 128 -12.35 24.93 26.74
C GLY A 128 -10.87 24.59 26.74
N LYS A 129 -10.46 23.32 26.83
CA LYS A 129 -9.06 22.98 26.72
C LYS A 129 -8.79 22.14 25.47
N HIS A 130 -9.77 21.43 24.91
CA HIS A 130 -9.55 20.54 23.77
C HIS A 130 -10.57 20.86 22.69
N VAL A 131 -10.19 21.04 21.42
CA VAL A 131 -11.13 21.41 20.35
C VAL A 131 -11.97 20.22 19.91
N VAL A 132 -13.28 20.35 20.09
CA VAL A 132 -14.27 19.33 19.74
C VAL A 132 -14.61 19.58 18.28
N PHE A 133 -14.76 18.53 17.50
CA PHE A 133 -14.98 18.73 16.06
C PHE A 133 -15.86 17.68 15.40
N GLY A 134 -16.33 16.67 16.13
CA GLY A 134 -17.10 15.61 15.53
C GLY A 134 -17.89 14.79 16.55
N LYS A 135 -18.74 13.90 16.05
CA LYS A 135 -19.53 13.01 16.86
C LYS A 135 -19.71 11.69 16.12
N VAL A 136 -19.59 10.56 16.82
CA VAL A 136 -19.82 9.24 16.25
C VAL A 136 -21.32 9.17 15.92
N LEU A 137 -21.58 8.83 14.67
CA LEU A 137 -22.92 8.68 14.16
C LEU A 137 -23.29 7.22 14.08
N ASP A 138 -22.31 6.34 13.92
CA ASP A 138 -22.58 4.92 13.82
C ASP A 138 -21.34 4.17 14.27
N GLY A 139 -21.51 3.02 14.92
CA GLY A 139 -20.41 2.21 15.38
C GLY A 139 -19.99 2.40 16.84
N MET A 140 -20.87 2.91 17.73
CA MET A 140 -20.51 2.96 19.15
C MET A 140 -20.29 1.56 19.75
N THR A 141 -20.87 0.50 19.19
CA THR A 141 -20.61 -0.86 19.63
C THR A 141 -19.14 -1.19 19.44
N VAL A 142 -18.56 -0.74 18.31
CA VAL A 142 -17.14 -0.92 18.01
C VAL A 142 -16.34 -0.15 19.05
N VAL A 143 -16.70 1.11 19.37
CA VAL A 143 -15.97 1.88 20.38
C VAL A 143 -16.01 1.17 21.74
N HIS A 144 -17.13 0.57 22.16
CA HIS A 144 -17.17 -0.10 23.45
C HIS A 144 -16.37 -1.39 23.40
N SER A 145 -16.27 -2.07 22.25
CA SER A 145 -15.42 -3.26 22.14
C SER A 145 -13.94 -2.93 22.36
N ILE A 146 -13.51 -1.73 21.98
CA ILE A 146 -12.14 -1.29 22.22
C ILE A 146 -12.01 -0.99 23.70
N GLU A 147 -13.02 -0.35 24.29
CA GLU A 147 -13.03 0.02 25.71
C GLU A 147 -12.87 -1.16 26.66
N LEU A 148 -13.54 -2.25 26.34
CA LEU A 148 -13.47 -3.45 27.17
C LEU A 148 -12.17 -4.25 27.03
N GLN A 149 -11.17 -3.79 26.26
CA GLN A 149 -9.95 -4.54 26.09
C GLN A 149 -9.05 -4.38 27.29
N ALA A 150 -8.46 -5.46 27.75
CA ALA A 150 -7.52 -5.41 28.87
C ALA A 150 -6.34 -4.56 28.45
N THR A 151 -5.82 -3.74 29.34
CA THR A 151 -4.74 -2.83 29.02
C THR A 151 -3.53 -3.14 29.89
N ASP A 152 -2.36 -2.62 29.54
CA ASP A 152 -1.14 -2.79 30.33
C ASP A 152 -1.12 -1.71 31.40
N GLY A 153 0.04 -1.51 32.01
CA GLY A 153 0.17 -0.53 33.07
C GLY A 153 0.14 0.91 32.60
N HIS A 154 0.06 1.15 31.30
CA HIS A 154 0.03 2.51 30.79
C HIS A 154 -1.26 2.73 30.03
N ASP A 155 -2.26 1.86 30.23
CA ASP A 155 -3.56 1.96 29.61
C ASP A 155 -3.53 1.72 28.11
N ARG A 156 -2.55 0.94 27.64
CA ARG A 156 -2.46 0.62 26.23
C ARG A 156 -3.08 -0.77 26.14
N PRO A 157 -4.00 -1.09 25.21
CA PRO A 157 -4.51 -2.43 25.07
C PRO A 157 -3.42 -3.47 24.80
N LEU A 158 -3.55 -4.64 25.42
CA LEU A 158 -2.58 -5.71 25.28
C LEU A 158 -2.78 -6.45 23.96
N THR A 159 -3.77 -6.08 23.18
CA THR A 159 -4.00 -6.61 21.84
C THR A 159 -4.32 -5.35 21.05
N ASP A 160 -3.56 -5.12 19.97
CA ASP A 160 -3.73 -3.95 19.13
C ASP A 160 -5.11 -3.90 18.48
N CYS A 161 -5.61 -2.67 18.60
CA CYS A 161 -6.93 -2.23 18.16
C CYS A 161 -6.53 -1.30 17.02
N THR A 162 -6.55 -1.85 15.82
CA THR A 162 -6.07 -1.18 14.63
C THR A 162 -7.12 -0.66 13.65
N ILE A 163 -6.86 0.57 13.16
CA ILE A 163 -7.67 1.15 12.09
C ILE A 163 -7.06 0.50 10.85
N VAL A 164 -7.67 -0.54 10.31
CA VAL A 164 -7.13 -1.19 9.13
C VAL A 164 -7.54 -0.47 7.86
N ASN A 165 -8.57 0.39 7.86
CA ASN A 165 -8.96 1.14 6.66
C ASN A 165 -9.63 2.40 7.14
N SER A 166 -9.49 3.54 6.46
CA SER A 166 -10.13 4.77 6.85
C SER A 166 -10.43 5.56 5.59
N GLY A 167 -11.29 6.57 5.63
CA GLY A 167 -11.59 7.35 4.46
C GLY A 167 -12.73 8.30 4.75
N LYS A 168 -13.26 8.91 3.71
CA LYS A 168 -14.35 9.88 3.86
C LYS A 168 -15.57 9.39 3.11
N ILE A 169 -16.72 9.94 3.49
CA ILE A 169 -17.99 9.65 2.85
C ILE A 169 -18.58 11.04 2.67
N ASP A 170 -19.01 11.37 1.47
CA ASP A 170 -19.49 12.73 1.25
C ASP A 170 -20.91 12.87 1.77
N VAL A 171 -21.27 14.05 2.21
CA VAL A 171 -22.61 14.34 2.73
C VAL A 171 -23.30 15.23 1.69
N LYS A 172 -24.34 14.77 1.03
CA LYS A 172 -24.93 15.61 0.01
C LYS A 172 -25.63 16.81 0.62
N THR A 173 -26.33 16.67 1.74
CA THR A 173 -26.95 17.83 2.36
C THR A 173 -26.64 17.79 3.84
N PRO A 174 -25.98 18.79 4.43
CA PRO A 174 -25.72 18.86 5.85
C PRO A 174 -26.98 18.69 6.72
N PHE A 175 -26.84 18.07 7.87
CA PHE A 175 -27.97 17.85 8.74
C PHE A 175 -27.54 18.23 10.14
N VAL A 176 -28.50 18.64 10.96
CA VAL A 176 -28.26 19.14 12.31
C VAL A 176 -28.13 18.03 13.36
N VAL A 177 -27.22 18.27 14.29
CA VAL A 177 -27.06 17.44 15.46
C VAL A 177 -27.50 18.40 16.57
N GLU A 178 -28.66 18.12 17.18
CA GLU A 178 -29.22 18.99 18.21
C GLU A 178 -28.31 19.08 19.40
N VAL A 179 -28.00 20.27 19.90
CA VAL A 179 -27.24 20.37 21.13
C VAL A 179 -27.95 21.44 21.95
N PRO A 180 -28.05 21.27 23.29
CA PRO A 180 -28.62 22.21 24.25
C PRO A 180 -28.67 23.71 23.95
N ASP A 181 -27.56 24.42 24.08
CA ASP A 181 -27.55 25.83 23.81
C ASP A 181 -26.81 25.94 22.50
N TRP A 182 -27.31 26.70 21.51
CA TRP A 182 -26.57 26.86 20.26
C TRP A 182 -26.76 28.22 19.57
N DAL B 1 -5.19 11.36 37.03
CA DAL B 1 -6.60 11.70 37.00
CB DAL B 1 -7.40 10.82 37.96
C DAL B 1 -7.11 11.46 35.61
O DAL B 1 -6.75 10.43 35.01
H DAL B 1 -4.94 10.42 37.12
N MLE B 2 -7.92 12.34 34.99
CN MLE B 2 -8.10 13.71 35.54
CA MLE B 2 -8.46 11.98 33.68
CB MLE B 2 -9.97 11.77 33.90
CG MLE B 2 -10.47 10.65 34.79
CD1 MLE B 2 -11.98 10.68 34.72
CD2 MLE B 2 -9.98 9.26 34.36
C MLE B 2 -8.15 12.99 32.54
O MLE B 2 -9.05 13.69 32.05
N MLE B 3 -6.90 13.12 32.08
CN MLE B 3 -5.79 12.25 32.58
CA MLE B 3 -6.64 14.08 31.02
CB MLE B 3 -5.42 14.91 31.48
CG MLE B 3 -5.59 15.82 32.67
CD1 MLE B 3 -4.39 16.75 32.75
CD2 MLE B 3 -6.83 16.66 32.53
C MLE B 3 -6.44 13.42 29.65
O MLE B 3 -6.42 12.17 29.54
N MVA B 4 -6.33 14.15 28.53
CN MVA B 4 -6.68 15.61 28.49
CA MVA B 4 -5.97 13.44 27.30
CB MVA B 4 -7.15 13.39 26.27
CG1 MVA B 4 -6.77 12.40 25.19
CG2 MVA B 4 -8.46 12.85 26.86
C MVA B 4 -4.76 14.20 26.73
O MVA B 4 -4.92 15.15 25.95
N BMT B 5 -3.54 13.88 27.22
CN BMT B 5 -3.34 12.71 28.15
CA BMT B 5 -2.39 14.61 26.67
C BMT B 5 -1.51 13.75 25.74
O BMT B 5 -1.67 12.51 25.56
CB BMT B 5 -1.52 15.24 27.82
OG1 BMT B 5 -0.88 14.21 28.59
CG2 BMT B 5 -2.32 16.19 28.78
CD1 BMT B 5 -3.26 17.18 28.07
CD2 BMT B 5 -1.51 16.91 29.86
CE BMT B 5 -0.63 18.07 29.37
CZ BMT B 5 0.78 17.91 29.27
CH BMT B 5 1.66 19.06 28.77
HG1 BMT B 5 -0.27 14.60 29.23
HE BMT B 5 -1.08 19.03 29.16
HZ BMT B 5 1.26 17.01 29.63
N ABA B 6 -0.62 14.47 25.07
CA ABA B 6 0.22 13.86 24.05
C ABA B 6 1.68 13.99 24.46
O ABA B 6 2.34 14.96 24.08
CB ABA B 6 -0.07 14.55 22.73
CG ABA B 6 -1.51 14.44 22.22
H ABA B 6 -0.56 15.43 25.23
N SAR B 7 2.25 13.10 25.28
CA SAR B 7 3.64 13.24 25.72
C SAR B 7 3.79 13.07 27.22
O SAR B 7 4.21 11.99 27.64
CN SAR B 7 1.54 11.92 25.87
N MLE B 8 3.46 14.04 28.10
CN MLE B 8 2.91 15.34 27.62
CA MLE B 8 3.55 13.74 29.51
CB MLE B 8 4.26 14.91 30.21
CG MLE B 8 4.49 14.73 31.73
CD1 MLE B 8 5.39 13.52 31.98
CD2 MLE B 8 5.10 15.99 32.30
C MLE B 8 2.13 13.54 30.04
O MLE B 8 1.41 14.51 30.31
N VAL B 9 1.71 12.28 30.12
CA VAL B 9 0.36 11.98 30.58
C VAL B 9 0.27 12.21 32.09
N MLE B 10 -0.72 12.96 32.63
CN MLE B 10 -1.90 13.39 31.78
CA MLE B 10 -0.73 13.21 34.06
CB MLE B 10 -0.86 14.74 34.24
CG MLE B 10 0.18 15.63 33.55
CD1 MLE B 10 -0.19 17.08 33.71
CD2 MLE B 10 1.56 15.33 34.10
C MLE B 10 -1.82 12.43 34.79
O MLE B 10 -2.59 11.68 34.21
N ALA B 11 -1.86 12.54 36.12
CA ALA B 11 -2.84 11.78 36.89
C ALA B 11 -4.28 12.24 36.69
N LYS C 1 -40.96 2.13 -7.14
CA LYS C 1 -42.04 1.20 -6.90
C LYS C 1 -41.41 -0.19 -7.00
N ARG C 2 -41.35 -0.88 -8.16
CA ARG C 2 -40.79 -2.23 -8.21
C ARG C 2 -39.35 -2.15 -8.72
N GLY C 3 -38.48 -3.06 -8.29
CA GLY C 3 -37.10 -3.05 -8.72
C GLY C 3 -36.19 -3.85 -7.79
N PRO C 4 -34.98 -4.15 -8.24
CA PRO C 4 -33.92 -4.69 -7.38
C PRO C 4 -33.53 -3.67 -6.31
N SER C 5 -33.08 -4.12 -5.16
CA SER C 5 -32.65 -3.22 -4.12
C SER C 5 -31.13 -3.10 -4.09
N VAL C 6 -30.67 -1.89 -3.82
CA VAL C 6 -29.28 -1.59 -3.54
C VAL C 6 -28.98 -2.07 -2.12
N THR C 7 -28.05 -3.01 -1.98
CA THR C 7 -27.67 -3.58 -0.70
C THR C 7 -26.32 -3.10 -0.20
N ASP C 8 -25.51 -2.58 -1.12
CA ASP C 8 -24.14 -2.22 -0.82
C ASP C 8 -23.72 -1.11 -1.75
N LYS C 9 -22.71 -0.32 -1.40
CA LYS C 9 -22.19 0.69 -2.29
C LYS C 9 -20.67 0.63 -2.33
N VAL C 10 -20.10 1.02 -3.45
CA VAL C 10 -18.64 1.09 -3.60
C VAL C 10 -18.35 2.47 -4.14
N PHE C 11 -17.26 3.10 -3.71
CA PHE C 11 -16.84 4.36 -4.29
C PHE C 11 -15.47 4.24 -4.98
N PHE C 12 -15.23 5.09 -5.98
CA PHE C 12 -13.96 5.19 -6.66
C PHE C 12 -13.62 6.67 -6.69
N ASP C 13 -12.47 7.11 -6.15
CA ASP C 13 -12.01 8.48 -6.29
C ASP C 13 -11.09 8.50 -7.50
N VAL C 14 -11.37 9.37 -8.47
CA VAL C 14 -10.63 9.34 -9.74
C VAL C 14 -9.77 10.59 -9.95
N ARG C 15 -8.57 10.36 -10.51
CA ARG C 15 -7.64 11.40 -10.90
C ARG C 15 -7.25 11.18 -12.36
N ILE C 16 -7.27 12.25 -13.15
CA ILE C 16 -6.91 12.17 -14.57
C ILE C 16 -5.63 12.98 -14.60
N GLY C 17 -4.47 12.38 -14.85
CA GLY C 17 -3.19 13.06 -14.74
C GLY C 17 -2.99 13.34 -13.26
N ASP C 18 -2.63 14.55 -12.83
CA ASP C 18 -2.59 14.78 -11.40
C ASP C 18 -3.78 15.66 -10.98
N LYS C 19 -4.89 15.61 -11.73
CA LYS C 19 -6.04 16.42 -11.33
C LYS C 19 -7.09 15.46 -10.76
N ASP C 20 -7.52 15.71 -9.53
CA ASP C 20 -8.54 14.92 -8.87
C ASP C 20 -9.85 15.41 -9.43
N VAL C 21 -10.56 14.56 -10.17
CA VAL C 21 -11.80 15.01 -10.78
C VAL C 21 -13.03 14.67 -9.94
N GLY C 22 -13.01 13.72 -9.01
CA GLY C 22 -14.19 13.45 -8.22
C GLY C 22 -14.39 11.99 -7.92
N ARG C 23 -15.52 11.68 -7.30
CA ARG C 23 -15.88 10.35 -6.87
C ARG C 23 -17.06 9.78 -7.65
N ILE C 24 -16.97 8.49 -7.95
CA ILE C 24 -18.06 7.73 -8.56
C ILE C 24 -18.58 6.85 -7.42
N VAL C 25 -19.88 6.85 -7.14
CA VAL C 25 -20.49 5.94 -6.17
C VAL C 25 -21.42 5.01 -6.93
N ILE C 26 -21.20 3.71 -6.79
CA ILE C 26 -21.93 2.64 -7.46
C ILE C 26 -22.81 1.87 -6.47
N GLY C 27 -24.12 1.74 -6.72
CA GLY C 27 -25.03 0.93 -5.92
C GLY C 27 -25.00 -0.51 -6.43
N LEU C 28 -24.96 -1.47 -5.52
CA LEU C 28 -24.79 -2.85 -5.90
C LEU C 28 -26.00 -3.67 -5.50
N PHE C 29 -26.35 -4.60 -6.39
CA PHE C 29 -27.53 -5.43 -6.21
C PHE C 29 -27.21 -6.80 -5.63
N GLY C 30 -26.87 -6.77 -4.34
CA GLY C 30 -26.40 -7.94 -3.61
C GLY C 30 -27.40 -9.07 -3.47
N ASN C 31 -28.71 -8.83 -3.56
CA ASN C 31 -29.63 -9.94 -3.43
C ASN C 31 -29.79 -10.67 -4.74
N VAL C 32 -29.55 -9.98 -5.87
CA VAL C 32 -29.78 -10.56 -7.17
C VAL C 32 -28.54 -11.35 -7.60
N VAL C 33 -27.34 -10.77 -7.44
CA VAL C 33 -26.07 -11.38 -7.85
C VAL C 33 -25.05 -11.34 -6.71
N PRO C 34 -25.29 -12.12 -5.64
CA PRO C 34 -24.51 -12.04 -4.42
C PRO C 34 -23.02 -12.27 -4.61
N LYS C 35 -22.60 -13.25 -5.41
CA LYS C 35 -21.17 -13.59 -5.54
C LYS C 35 -20.45 -12.55 -6.38
N THR C 36 -21.10 -12.07 -7.43
CA THR C 36 -20.54 -11.03 -8.29
C THR C 36 -20.34 -9.77 -7.46
N VAL C 37 -21.31 -9.41 -6.62
CA VAL C 37 -21.18 -8.20 -5.81
C VAL C 37 -20.07 -8.38 -4.77
N GLU C 38 -19.95 -9.58 -4.19
CA GLU C 38 -18.99 -9.84 -3.12
C GLU C 38 -17.58 -9.66 -3.65
N ASN C 39 -17.37 -10.20 -4.85
CA ASN C 39 -16.11 -10.02 -5.54
C ASN C 39 -15.76 -8.54 -5.74
N PHE C 40 -16.69 -7.77 -6.31
CA PHE C 40 -16.48 -6.36 -6.58
C PHE C 40 -16.16 -5.56 -5.31
N VAL C 41 -16.92 -5.78 -4.22
CA VAL C 41 -16.69 -5.06 -2.97
C VAL C 41 -15.32 -5.41 -2.37
N ALA C 42 -14.98 -6.68 -2.29
CA ALA C 42 -13.68 -7.08 -1.76
C ALA C 42 -12.54 -6.45 -2.56
N LEU C 43 -12.64 -6.44 -3.91
CA LEU C 43 -11.60 -5.84 -4.74
C LEU C 43 -11.56 -4.34 -4.55
N ALA C 44 -12.70 -3.70 -4.30
CA ALA C 44 -12.69 -2.25 -4.04
C ALA C 44 -12.13 -1.92 -2.65
N THR C 45 -12.32 -2.76 -1.62
CA THR C 45 -11.75 -2.40 -0.33
C THR C 45 -10.26 -2.77 -0.29
N GLY C 46 -9.84 -3.74 -1.10
CA GLY C 46 -8.46 -4.24 -1.12
C GLY C 46 -8.21 -5.18 0.08
N GLU C 47 -9.28 -5.69 0.69
CA GLU C 47 -9.16 -6.47 1.92
C GLU C 47 -8.43 -7.78 1.75
N LYS C 48 -8.48 -8.38 0.57
CA LYS C 48 -7.77 -9.61 0.28
C LYS C 48 -6.29 -9.33 0.00
N GLY C 49 -5.88 -8.05 -0.05
CA GLY C 49 -4.49 -7.66 -0.27
C GLY C 49 -4.19 -7.30 -1.72
N TYR C 50 -5.19 -7.17 -2.58
CA TYR C 50 -5.00 -6.78 -3.98
C TYR C 50 -6.33 -6.18 -4.46
N GLY C 51 -6.40 -5.40 -5.52
CA GLY C 51 -7.69 -4.87 -5.93
C GLY C 51 -7.52 -3.61 -6.77
N TYR C 52 -8.61 -2.85 -6.84
CA TYR C 52 -8.70 -1.74 -7.77
C TYR C 52 -7.91 -0.48 -7.45
N LYS C 53 -7.50 -0.22 -6.21
CA LYS C 53 -6.83 1.04 -5.93
C LYS C 53 -5.52 1.08 -6.75
N GLY C 54 -5.39 2.07 -7.63
CA GLY C 54 -4.21 2.22 -8.43
C GLY C 54 -4.40 1.76 -9.85
N SER C 55 -5.51 1.10 -10.18
CA SER C 55 -5.74 0.64 -11.53
C SER C 55 -6.28 1.78 -12.39
N ILE C 56 -6.33 1.64 -13.71
CA ILE C 56 -6.79 2.73 -14.57
C ILE C 56 -8.00 2.31 -15.40
N PHE C 57 -8.65 3.23 -16.08
CA PHE C 57 -9.66 2.85 -17.04
C PHE C 57 -8.89 2.75 -18.37
N HIS C 58 -8.66 1.52 -18.81
CA HIS C 58 -7.80 1.24 -19.97
C HIS C 58 -8.46 1.33 -21.32
N ARG C 59 -9.79 1.29 -21.41
CA ARG C 59 -10.48 1.30 -22.69
C ARG C 59 -11.69 2.22 -22.55
N VAL C 60 -11.74 3.30 -23.34
CA VAL C 60 -12.78 4.31 -23.27
C VAL C 60 -13.31 4.53 -24.70
N ILE C 61 -14.61 4.31 -24.97
CA ILE C 61 -15.21 4.51 -26.28
C ILE C 61 -16.41 5.41 -26.05
N LYS C 62 -16.37 6.65 -26.54
CA LYS C 62 -17.43 7.61 -26.28
C LYS C 62 -18.75 7.07 -26.80
N ASP C 63 -19.82 7.37 -26.08
CA ASP C 63 -21.18 6.90 -26.34
C ASP C 63 -21.33 5.38 -26.24
N PHE C 64 -20.35 4.68 -25.66
CA PHE C 64 -20.53 3.26 -25.47
C PHE C 64 -20.26 2.89 -24.03
N MET C 65 -19.04 3.03 -23.52
CA MET C 65 -18.73 2.60 -22.16
C MET C 65 -17.29 2.94 -21.81
N ILE C 66 -16.98 2.88 -20.51
CA ILE C 66 -15.60 2.98 -20.07
C ILE C 66 -15.34 1.65 -19.37
N GLN C 67 -14.14 1.08 -19.50
CA GLN C 67 -13.82 -0.24 -18.98
C GLN C 67 -12.59 -0.16 -18.09
N GLY C 68 -12.50 -0.91 -16.99
CA GLY C 68 -11.36 -0.84 -16.08
C GLY C 68 -11.31 -2.12 -15.25
N GLY C 69 -10.55 -2.12 -14.17
CA GLY C 69 -10.47 -3.29 -13.30
C GLY C 69 -9.33 -4.25 -13.60
N ASP C 70 -8.48 -3.99 -14.60
CA ASP C 70 -7.35 -4.86 -14.85
C ASP C 70 -6.19 -4.40 -13.98
N PHE C 71 -6.19 -4.84 -12.73
CA PHE C 71 -5.14 -4.42 -11.83
C PHE C 71 -3.86 -5.25 -12.00
N THR C 72 -3.85 -6.31 -12.82
CA THR C 72 -2.61 -7.05 -12.97
C THR C 72 -1.85 -6.61 -14.22
N ALA C 73 -2.45 -6.60 -15.40
CA ALA C 73 -1.77 -6.25 -16.62
C ALA C 73 -2.02 -4.82 -17.10
N ARG C 74 -3.04 -4.12 -16.59
CA ARG C 74 -3.37 -2.73 -16.96
C ARG C 74 -3.63 -2.51 -18.46
N ASP C 75 -3.92 -3.54 -19.23
CA ASP C 75 -4.10 -3.39 -20.67
C ASP C 75 -5.36 -4.06 -21.19
N GLY C 76 -6.01 -4.87 -20.37
CA GLY C 76 -7.22 -5.56 -20.74
C GLY C 76 -7.03 -7.07 -20.78
N THR C 77 -5.81 -7.57 -20.61
CA THR C 77 -5.58 -8.99 -20.70
C THR C 77 -5.58 -9.64 -19.32
N GLY C 78 -5.53 -8.90 -18.22
CA GLY C 78 -5.49 -9.55 -16.91
C GLY C 78 -6.69 -9.33 -15.99
N GLY C 79 -6.34 -9.34 -14.71
CA GLY C 79 -7.24 -9.15 -13.58
C GLY C 79 -7.64 -10.52 -13.06
N MET C 80 -8.22 -10.63 -11.86
CA MET C 80 -8.64 -11.94 -11.33
C MET C 80 -9.65 -11.74 -10.22
N SER C 81 -10.39 -12.78 -9.85
CA SER C 81 -11.39 -12.64 -8.81
C SER C 81 -10.87 -13.15 -7.48
N ILE C 82 -11.67 -12.98 -6.43
CA ILE C 82 -11.36 -13.54 -5.12
C ILE C 82 -11.72 -15.03 -5.11
N TYR C 83 -12.26 -15.62 -6.17
CA TYR C 83 -12.60 -17.03 -6.19
C TYR C 83 -11.60 -17.78 -7.07
N GLY C 84 -10.58 -17.13 -7.62
CA GLY C 84 -9.67 -17.79 -8.54
C GLY C 84 -9.50 -16.91 -9.77
N GLU C 85 -8.88 -17.41 -10.82
CA GLU C 85 -8.68 -16.64 -12.03
C GLU C 85 -9.99 -16.12 -12.59
N THR C 86 -10.97 -17.01 -12.73
CA THR C 86 -12.27 -16.61 -13.20
C THR C 86 -13.35 -17.24 -12.32
N PHE C 87 -14.59 -16.76 -12.49
CA PHE C 87 -15.75 -17.38 -11.87
C PHE C 87 -16.87 -17.39 -12.90
N PRO C 88 -17.81 -18.33 -12.79
CA PRO C 88 -18.92 -18.47 -13.72
C PRO C 88 -19.89 -17.28 -13.70
N ASP C 89 -20.63 -17.14 -14.78
CA ASP C 89 -21.69 -16.17 -14.91
C ASP C 89 -22.76 -16.58 -13.91
N GLU C 90 -23.07 -15.70 -12.94
CA GLU C 90 -24.00 -16.01 -11.87
C GLU C 90 -25.43 -16.15 -12.38
N ASN C 91 -25.91 -15.19 -13.16
CA ASN C 91 -27.23 -15.22 -13.76
C ASN C 91 -27.29 -13.98 -14.62
N PHE C 92 -28.32 -13.84 -15.43
CA PHE C 92 -28.47 -12.67 -16.27
C PHE C 92 -29.85 -12.08 -16.00
N LYS C 93 -30.22 -11.97 -14.73
CA LYS C 93 -31.53 -11.42 -14.38
C LYS C 93 -31.63 -9.92 -14.70
N LEU C 94 -30.57 -9.15 -14.46
CA LEU C 94 -30.58 -7.72 -14.76
C LEU C 94 -30.11 -7.48 -16.18
N LYS C 95 -30.63 -6.44 -16.82
CA LYS C 95 -30.23 -6.09 -18.18
C LYS C 95 -29.38 -4.83 -18.08
N HIS C 96 -28.78 -4.41 -19.19
CA HIS C 96 -27.99 -3.20 -19.27
C HIS C 96 -29.12 -2.21 -19.61
N TYR C 97 -29.85 -1.74 -18.59
CA TYR C 97 -31.06 -0.95 -18.83
C TYR C 97 -30.90 0.42 -19.47
N GLY C 98 -29.74 1.03 -19.34
CA GLY C 98 -29.50 2.33 -19.91
C GLY C 98 -28.15 2.79 -19.42
N ILE C 99 -27.95 4.08 -19.48
CA ILE C 99 -26.76 4.75 -19.06
C ILE C 99 -26.50 4.56 -17.57
N GLY C 100 -25.24 4.29 -17.27
CA GLY C 100 -24.78 4.25 -15.90
C GLY C 100 -24.94 2.90 -15.25
N TRP C 101 -25.27 1.84 -15.99
CA TRP C 101 -25.32 0.52 -15.40
C TRP C 101 -23.92 -0.09 -15.48
N VAL C 102 -23.56 -0.89 -14.46
CA VAL C 102 -22.23 -1.44 -14.27
C VAL C 102 -22.33 -2.95 -14.49
N SER C 103 -21.44 -3.46 -15.35
CA SER C 103 -21.48 -4.85 -15.76
C SER C 103 -20.09 -5.48 -15.86
N MET C 104 -19.99 -6.80 -15.82
CA MET C 104 -18.73 -7.54 -15.91
C MET C 104 -18.26 -7.75 -17.34
N ALA C 105 -17.03 -7.29 -17.61
CA ALA C 105 -16.37 -7.57 -18.88
C ALA C 105 -15.93 -9.04 -18.81
N ASN C 106 -15.71 -9.76 -19.92
CA ASN C 106 -15.32 -11.16 -19.84
C ASN C 106 -14.66 -11.53 -21.14
N ALA C 107 -14.27 -12.79 -21.33
CA ALA C 107 -13.71 -13.25 -22.58
C ALA C 107 -14.53 -14.46 -22.97
N GLY C 108 -15.86 -14.36 -22.83
CA GLY C 108 -16.75 -15.44 -23.21
C GLY C 108 -17.47 -15.99 -22.00
N PRO C 109 -18.35 -17.00 -22.09
CA PRO C 109 -19.10 -17.49 -20.96
C PRO C 109 -18.18 -17.98 -19.85
N ASP C 110 -18.61 -17.68 -18.63
CA ASP C 110 -17.94 -18.03 -17.41
C ASP C 110 -16.47 -17.63 -17.26
N THR C 111 -16.10 -16.44 -17.74
CA THR C 111 -14.72 -15.99 -17.59
C THR C 111 -14.70 -14.65 -16.86
N ASN C 112 -15.47 -14.54 -15.78
CA ASN C 112 -15.51 -13.27 -15.07
C ASN C 112 -14.28 -13.15 -14.20
N GLY C 113 -13.62 -12.00 -14.10
CA GLY C 113 -12.43 -11.85 -13.27
C GLY C 113 -12.62 -10.58 -12.44
N SER C 114 -12.00 -9.49 -12.83
CA SER C 114 -12.17 -8.22 -12.14
C SER C 114 -12.52 -7.07 -13.05
N GLN C 115 -12.50 -7.28 -14.37
CA GLN C 115 -12.77 -6.16 -15.25
C GLN C 115 -14.28 -5.94 -15.37
N PHE C 116 -14.61 -4.67 -15.43
CA PHE C 116 -15.98 -4.22 -15.49
C PHE C 116 -16.11 -3.00 -16.42
N PHE C 117 -17.32 -2.65 -16.82
CA PHE C 117 -17.56 -1.45 -17.61
C PHE C 117 -18.78 -0.71 -17.08
N ILE C 118 -18.83 0.60 -17.34
CA ILE C 118 -19.93 1.48 -16.95
C ILE C 118 -20.50 1.93 -18.30
N THR C 119 -21.78 1.66 -18.55
CA THR C 119 -22.40 1.98 -19.83
C THR C 119 -22.66 3.47 -20.00
N LEU C 120 -22.57 3.92 -21.26
CA LEU C 120 -22.89 5.28 -21.62
C LEU C 120 -23.96 5.25 -22.71
N THR C 121 -24.65 4.13 -22.87
CA THR C 121 -25.74 3.99 -23.80
C THR C 121 -26.58 2.82 -23.26
N LYS C 122 -27.59 2.31 -23.97
CA LYS C 122 -28.34 1.15 -23.56
C LYS C 122 -27.83 0.02 -24.46
N PRO C 123 -26.83 -0.77 -24.07
CA PRO C 123 -26.22 -1.73 -24.98
C PRO C 123 -26.97 -3.03 -24.99
N THR C 124 -28.18 -3.04 -25.59
CA THR C 124 -28.99 -4.23 -25.59
C THR C 124 -28.34 -5.43 -26.24
N TRP C 125 -27.39 -5.20 -27.17
CA TRP C 125 -26.69 -6.30 -27.82
C TRP C 125 -25.84 -7.05 -26.79
N LEU C 126 -25.57 -6.47 -25.62
CA LEU C 126 -24.82 -7.17 -24.59
C LEU C 126 -25.65 -7.98 -23.60
N ASP C 127 -26.98 -7.78 -23.51
CA ASP C 127 -27.80 -8.51 -22.54
C ASP C 127 -27.75 -9.99 -22.77
N GLY C 128 -27.67 -10.66 -21.64
CA GLY C 128 -27.59 -12.10 -21.67
C GLY C 128 -26.14 -12.59 -21.87
N LYS C 129 -25.13 -11.72 -22.11
CA LYS C 129 -23.76 -12.21 -22.29
C LYS C 129 -22.82 -11.70 -21.21
N HIS C 130 -23.18 -10.61 -20.53
CA HIS C 130 -22.35 -10.00 -19.50
C HIS C 130 -23.22 -9.84 -18.26
N VAL C 131 -22.73 -10.17 -17.07
CA VAL C 131 -23.51 -10.07 -15.84
C VAL C 131 -23.57 -8.64 -15.30
N VAL C 132 -24.76 -8.07 -15.26
CA VAL C 132 -24.97 -6.73 -14.74
C VAL C 132 -25.12 -6.86 -13.23
N PHE C 133 -24.55 -5.95 -12.45
CA PHE C 133 -24.56 -6.04 -11.00
C PHE C 133 -24.63 -4.72 -10.25
N GLY C 134 -24.62 -3.58 -10.93
CA GLY C 134 -24.69 -2.32 -10.25
C GLY C 134 -25.19 -1.19 -11.13
N LYS C 135 -25.26 -0.02 -10.51
CA LYS C 135 -25.69 1.19 -11.16
C LYS C 135 -25.03 2.38 -10.46
N VAL C 136 -24.48 3.31 -11.25
CA VAL C 136 -23.89 4.54 -10.73
C VAL C 136 -25.02 5.37 -10.14
N LEU C 137 -24.83 5.66 -8.86
CA LEU C 137 -25.76 6.45 -8.10
C LEU C 137 -25.30 7.89 -8.08
N ASP C 138 -24.00 8.14 -8.05
CA ASP C 138 -23.54 9.51 -8.08
C ASP C 138 -22.20 9.57 -8.77
N GLY C 139 -21.92 10.70 -9.43
CA GLY C 139 -20.65 10.88 -10.09
C GLY C 139 -20.65 10.59 -11.60
N MET C 140 -21.81 10.62 -12.27
CA MET C 140 -21.83 10.48 -13.73
C MET C 140 -21.00 11.55 -14.42
N THR C 141 -20.85 12.75 -13.87
CA THR C 141 -20.01 13.77 -14.50
C THR C 141 -18.58 13.29 -14.52
N VAL C 142 -18.16 12.56 -13.49
CA VAL C 142 -16.80 12.00 -13.45
C VAL C 142 -16.68 10.98 -14.59
N VAL C 143 -17.72 10.17 -14.78
CA VAL C 143 -17.72 9.17 -15.84
C VAL C 143 -17.61 9.86 -17.22
N HIS C 144 -18.32 10.97 -17.42
CA HIS C 144 -18.23 11.67 -18.69
C HIS C 144 -16.89 12.41 -18.81
N SER C 145 -16.26 12.87 -17.73
CA SER C 145 -14.92 13.44 -17.81
C SER C 145 -13.97 12.39 -18.37
N ILE C 146 -14.08 11.13 -17.95
CA ILE C 146 -13.22 10.07 -18.48
C ILE C 146 -13.58 9.83 -19.95
N GLU C 147 -14.88 9.89 -20.27
CA GLU C 147 -15.37 9.63 -21.61
C GLU C 147 -14.80 10.56 -22.68
N LEU C 148 -14.65 11.83 -22.35
CA LEU C 148 -14.15 12.80 -23.28
C LEU C 148 -12.62 12.80 -23.37
N GLN C 149 -11.91 11.84 -22.78
CA GLN C 149 -10.46 11.80 -22.93
C GLN C 149 -10.06 11.38 -24.32
N ALA C 150 -9.12 12.11 -24.91
CA ALA C 150 -8.50 11.71 -26.16
C ALA C 150 -7.85 10.33 -25.96
N THR C 151 -8.04 9.42 -26.90
CA THR C 151 -7.49 8.09 -26.81
C THR C 151 -6.56 7.81 -27.99
N ASP C 152 -5.82 6.71 -27.87
CA ASP C 152 -4.99 6.24 -28.94
C ASP C 152 -5.76 5.24 -29.80
N GLY C 153 -5.12 4.51 -30.70
CA GLY C 153 -5.83 3.61 -31.59
C GLY C 153 -6.26 2.29 -30.98
N HIS C 154 -6.08 2.13 -29.67
CA HIS C 154 -6.59 0.95 -28.98
C HIS C 154 -7.54 1.46 -27.93
N ASP C 155 -8.06 2.69 -28.14
CA ASP C 155 -9.04 3.34 -27.29
C ASP C 155 -8.54 3.51 -25.86
N ARG C 156 -7.21 3.56 -25.68
CA ARG C 156 -6.66 3.73 -24.36
C ARG C 156 -6.46 5.23 -24.17
N PRO C 157 -6.89 5.84 -23.04
CA PRO C 157 -6.65 7.24 -22.75
C PRO C 157 -5.15 7.60 -22.81
N LEU C 158 -4.87 8.75 -23.41
CA LEU C 158 -3.51 9.22 -23.50
C LEU C 158 -3.06 9.75 -22.15
N THR C 159 -3.96 10.24 -21.31
CA THR C 159 -3.61 10.65 -19.97
C THR C 159 -4.26 9.61 -19.05
N ASP C 160 -3.54 8.99 -18.13
CA ASP C 160 -4.08 7.99 -17.20
C ASP C 160 -5.21 8.52 -16.33
N CYS C 161 -6.30 7.77 -16.40
CA CYS C 161 -7.52 7.98 -15.61
C CYS C 161 -7.44 6.95 -14.50
N THR C 162 -6.95 7.35 -13.33
CA THR C 162 -6.64 6.42 -12.26
C THR C 162 -7.60 6.43 -11.08
N ILE C 163 -7.94 5.23 -10.58
CA ILE C 163 -8.73 5.07 -9.36
C ILE C 163 -7.70 5.23 -8.25
N VAL C 164 -7.60 6.42 -7.69
CA VAL C 164 -6.61 6.64 -6.66
C VAL C 164 -7.11 6.13 -5.32
N ASN C 165 -8.42 6.01 -5.10
CA ASN C 165 -8.92 5.51 -3.84
C ASN C 165 -10.21 4.76 -4.08
N SER C 166 -10.49 3.73 -3.29
CA SER C 166 -11.68 2.94 -3.47
C SER C 166 -12.08 2.34 -2.12
N GLY C 167 -13.34 1.93 -2.00
CA GLY C 167 -13.80 1.32 -0.76
C GLY C 167 -15.29 1.11 -0.79
N LYS C 168 -15.85 0.75 0.38
CA LYS C 168 -17.27 0.45 0.47
C LYS C 168 -17.91 1.48 1.37
N ILE C 169 -19.22 1.69 1.17
CA ILE C 169 -20.03 2.53 2.04
C ILE C 169 -21.20 1.62 2.43
N ASP C 170 -21.46 1.49 3.73
CA ASP C 170 -22.54 0.62 4.17
C ASP C 170 -23.89 1.22 3.83
N VAL C 171 -24.87 0.38 3.54
CA VAL C 171 -26.24 0.82 3.28
C VAL C 171 -27.07 0.29 4.44
N LYS C 172 -27.53 1.18 5.30
CA LYS C 172 -28.31 0.78 6.47
C LYS C 172 -29.64 0.13 6.12
N THR C 173 -30.38 0.62 5.13
CA THR C 173 -31.63 0.00 4.71
C THR C 173 -31.63 -0.06 3.20
N PRO C 174 -31.73 -1.22 2.55
CA PRO C 174 -31.88 -1.35 1.09
C PRO C 174 -33.01 -0.51 0.49
N PHE C 175 -32.77 0.00 -0.72
CA PHE C 175 -33.75 0.78 -1.43
C PHE C 175 -33.81 0.32 -2.87
N VAL C 176 -35.00 0.46 -3.46
CA VAL C 176 -35.33 0.02 -4.81
C VAL C 176 -34.79 0.94 -5.90
N VAL C 177 -34.29 0.34 -6.98
CA VAL C 177 -33.94 1.06 -8.21
C VAL C 177 -35.00 0.53 -9.17
N GLU C 178 -35.85 1.43 -9.61
CA GLU C 178 -36.98 1.11 -10.45
C GLU C 178 -36.53 0.61 -11.80
N VAL C 179 -36.88 -0.60 -12.24
CA VAL C 179 -36.51 -1.04 -13.58
C VAL C 179 -37.77 -1.60 -14.22
N PRO C 180 -37.93 -1.58 -15.58
CA PRO C 180 -39.17 -1.95 -16.28
C PRO C 180 -39.94 -3.18 -15.85
N ASP C 181 -39.49 -4.39 -16.14
CA ASP C 181 -40.30 -5.54 -15.82
C ASP C 181 -39.65 -6.39 -14.73
N TRP C 182 -39.79 -5.97 -13.49
CA TRP C 182 -39.19 -6.70 -12.40
C TRP C 182 -40.20 -7.53 -11.62
N DAL D 1 -16.52 -3.57 -33.66
CA DAL D 1 -17.87 -3.10 -33.39
CB DAL D 1 -18.25 -1.91 -34.25
C DAL D 1 -17.91 -2.64 -31.95
O DAL D 1 -17.02 -1.88 -31.56
H DAL D 1 -15.83 -2.90 -33.79
N MLE D 2 -18.86 -3.06 -31.11
CN MLE D 2 -19.82 -4.13 -31.53
CA MLE D 2 -18.88 -2.56 -29.74
CB MLE D 2 -20.07 -1.58 -29.63
CG MLE D 2 -20.17 -0.40 -30.58
CD1 MLE D 2 -21.43 0.36 -30.23
CD2 MLE D 2 -18.96 0.51 -30.48
C MLE D 2 -18.96 -3.70 -28.74
O MLE D 2 -20.03 -3.95 -28.15
N MLE D 3 -17.86 -4.47 -28.51
CN MLE D 3 -16.56 -4.25 -29.24
CA MLE D 3 -17.95 -5.51 -27.49
CB MLE D 3 -17.45 -6.81 -28.15
CG MLE D 3 -18.30 -7.39 -29.29
CD1 MLE D 3 -17.83 -8.79 -29.62
CD2 MLE D 3 -19.76 -7.54 -28.88
C MLE D 3 -17.17 -5.13 -26.22
O MLE D 3 -16.50 -4.09 -26.20
N MVA D 4 -17.28 -5.84 -25.07
CN MVA D 4 -18.30 -6.93 -24.89
CA MVA D 4 -16.39 -5.48 -23.98
CB MVA D 4 -17.18 -4.88 -22.77
CG1 MVA D 4 -16.20 -4.30 -21.77
CG2 MVA D 4 -18.04 -3.71 -23.22
C MVA D 4 -15.65 -6.75 -23.58
O MVA D 4 -16.09 -7.44 -22.64
N BMT D 5 -14.57 -7.13 -24.30
CN BMT D 5 -13.94 -6.18 -25.32
CA BMT D 5 -13.89 -8.37 -23.91
C BMT D 5 -12.56 -8.15 -23.21
O BMT D 5 -12.07 -7.02 -23.09
CB BMT D 5 -13.68 -9.33 -25.13
OG1 BMT D 5 -12.72 -8.76 -26.04
CG2 BMT D 5 -15.00 -9.64 -25.87
CD1 BMT D 5 -16.16 -10.07 -24.93
CD2 BMT D 5 -14.87 -10.57 -27.11
CE BMT D 5 -14.63 -12.05 -26.80
CZ BMT D 5 -13.35 -12.64 -27.01
CH BMT D 5 -13.14 -14.11 -26.66
HG1 BMT D 5 -12.23 -8.05 -25.63
HE BMT D 5 -15.45 -12.65 -26.47
HZ BMT D 5 -12.57 -12.11 -27.51
N ABA D 6 -11.99 -9.24 -22.70
CA ABA D 6 -10.79 -9.15 -21.88
C ABA D 6 -9.72 -10.00 -22.57
O ABA D 6 -9.62 -11.21 -22.33
CB ABA D 6 -11.10 -9.68 -20.48
CG ABA D 6 -12.18 -8.86 -19.75
H ABA D 6 -12.42 -10.12 -22.85
N SAR D 7 -8.95 -9.46 -23.52
CA SAR D 7 -7.93 -10.22 -24.23
C SAR D 7 -8.10 -10.13 -25.73
O SAR D 7 -7.33 -9.39 -26.37
CN SAR D 7 -9.00 -8.03 -23.94
N MLE D 8 -9.09 -10.77 -26.36
CN MLE D 8 -10.11 -11.58 -25.61
CA MLE D 8 -9.19 -10.62 -27.81
CB MLE D 8 -9.37 -12.03 -28.30
CG MLE D 8 -9.16 -12.41 -29.74
CD1 MLE D 8 -7.81 -11.92 -30.23
CD2 MLE D 8 -9.35 -13.92 -29.82
C MLE D 8 -10.32 -9.66 -28.15
O MLE D 8 -11.48 -10.06 -28.32
N VAL D 9 -9.97 -8.37 -28.22
CA VAL D 9 -10.91 -7.29 -28.52
C VAL D 9 -11.43 -7.47 -29.94
N MLE D 10 -12.75 -7.54 -30.22
CN MLE D 10 -13.78 -7.30 -29.14
CA MLE D 10 -13.16 -7.73 -31.60
CB MLE D 10 -14.15 -8.89 -31.59
CG MLE D 10 -13.58 -10.22 -31.10
CD1 MLE D 10 -14.67 -11.27 -31.10
CD2 MLE D 10 -12.42 -10.65 -31.96
C MLE D 10 -13.73 -6.44 -32.17
O MLE D 10 -13.57 -5.37 -31.57
N ALA D 11 -14.36 -6.45 -33.34
CA ALA D 11 -14.79 -5.20 -33.96
C ALA D 11 -16.20 -4.86 -33.53
N LYS E 1 40.79 2.69 -0.15
CA LYS E 1 42.03 2.96 0.54
C LYS E 1 41.60 4.24 1.24
N ARG E 2 41.71 5.44 0.66
CA ARG E 2 41.30 6.66 1.35
C ARG E 2 39.88 6.94 0.88
N GLY E 3 38.93 7.11 1.79
CA GLY E 3 37.57 7.39 1.40
C GLY E 3 36.58 6.99 2.47
N PRO E 4 35.35 7.51 2.42
CA PRO E 4 34.26 7.09 3.28
C PRO E 4 33.77 5.71 2.88
N SER E 5 33.21 4.95 3.83
CA SER E 5 32.68 3.64 3.49
C SER E 5 31.16 3.58 3.32
N VAL E 6 30.71 2.74 2.41
CA VAL E 6 29.30 2.46 2.18
C VAL E 6 28.86 1.48 3.27
N THR E 7 27.88 1.88 4.10
CA THR E 7 27.37 1.01 5.14
C THR E 7 26.02 0.42 4.80
N ASP E 8 25.28 1.05 3.89
CA ASP E 8 23.93 0.62 3.56
C ASP E 8 23.70 0.93 2.08
N LYS E 9 22.70 0.30 1.47
CA LYS E 9 22.33 0.55 0.09
C LYS E 9 20.82 0.70 0.01
N VAL E 10 20.34 1.58 -0.86
CA VAL E 10 18.92 1.70 -1.13
C VAL E 10 18.73 1.46 -2.62
N PHE E 11 17.61 0.88 -3.07
CA PHE E 11 17.33 0.72 -4.48
C PHE E 11 16.03 1.45 -4.81
N PHE E 12 15.90 1.91 -6.05
CA PHE E 12 14.70 2.53 -6.56
C PHE E 12 14.46 1.87 -7.92
N ASP E 13 13.32 1.22 -8.08
CA ASP E 13 12.86 0.66 -9.35
C ASP E 13 12.06 1.76 -10.03
N VAL E 14 12.48 2.15 -11.22
CA VAL E 14 11.90 3.29 -11.91
C VAL E 14 11.14 2.90 -13.17
N ARG E 15 9.99 3.58 -13.35
CA ARG E 15 9.15 3.43 -14.53
C ARG E 15 8.92 4.84 -15.09
N ILE E 16 9.09 4.99 -16.40
CA ILE E 16 8.88 6.26 -17.08
C ILE E 16 7.63 5.97 -17.88
N GLY E 17 6.53 6.54 -17.42
CA GLY E 17 5.23 6.29 -18.01
C GLY E 17 4.88 4.84 -17.81
N ASP E 18 4.53 4.14 -18.88
CA ASP E 18 4.24 2.74 -18.80
C ASP E 18 5.47 1.86 -18.73
N LYS E 19 6.68 2.37 -18.95
CA LYS E 19 7.80 1.48 -19.15
C LYS E 19 8.79 1.36 -18.02
N ASP E 20 9.00 0.13 -17.61
CA ASP E 20 9.99 -0.19 -16.60
C ASP E 20 11.37 -0.02 -17.19
N VAL E 21 12.10 0.98 -16.70
CA VAL E 21 13.41 1.28 -17.23
C VAL E 21 14.53 0.82 -16.33
N GLY E 22 14.30 0.32 -15.12
CA GLY E 22 15.41 -0.25 -14.37
C GLY E 22 15.56 0.24 -12.97
N ARG E 23 16.64 -0.19 -12.34
CA ARG E 23 16.93 0.06 -10.94
C ARG E 23 18.14 0.97 -10.72
N ILE E 24 18.04 1.90 -9.79
CA ILE E 24 19.12 2.76 -9.34
C ILE E 24 19.49 2.17 -7.99
N VAL E 25 20.75 1.82 -7.74
CA VAL E 25 21.21 1.37 -6.43
C VAL E 25 22.13 2.45 -5.89
N ILE E 26 21.86 2.93 -4.67
CA ILE E 26 22.59 4.02 -4.07
C ILE E 26 23.34 3.53 -2.84
N GLY E 27 24.66 3.74 -2.75
CA GLY E 27 25.43 3.42 -1.56
C GLY E 27 25.35 4.57 -0.58
N LEU E 28 25.22 4.30 0.71
CA LEU E 28 25.06 5.36 1.69
C LEU E 28 26.19 5.36 2.72
N PHE E 29 26.61 6.56 3.10
CA PHE E 29 27.70 6.74 4.02
C PHE E 29 27.24 6.90 5.47
N GLY E 30 26.82 5.78 6.06
CA GLY E 30 26.22 5.79 7.38
C GLY E 30 27.12 6.16 8.53
N ASN E 31 28.44 6.07 8.36
CA ASN E 31 29.32 6.48 9.45
C ASN E 31 29.57 7.98 9.45
N VAL E 32 29.35 8.62 8.29
CA VAL E 32 29.67 10.03 8.18
C VAL E 32 28.47 10.88 8.59
N VAL E 33 27.33 10.49 8.02
CA VAL E 33 26.05 11.17 8.23
C VAL E 33 24.96 10.17 8.64
N PRO E 34 25.02 9.62 9.87
CA PRO E 34 24.12 8.57 10.30
C PRO E 34 22.63 8.96 10.33
N LYS E 35 22.31 10.16 10.77
CA LYS E 35 20.92 10.60 10.87
C LYS E 35 20.35 10.77 9.48
N THR E 36 21.08 11.42 8.56
CA THR E 36 20.60 11.62 7.21
C THR E 36 20.42 10.29 6.51
N VAL E 37 21.34 9.35 6.68
CA VAL E 37 21.18 8.02 6.13
C VAL E 37 20.00 7.28 6.78
N GLU E 38 19.70 7.35 8.11
CA GLU E 38 18.56 6.55 8.64
C GLU E 38 17.24 7.07 8.05
N ASN E 39 17.15 8.39 7.89
CA ASN E 39 15.99 9.01 7.30
C ASN E 39 15.73 8.46 5.90
N PHE E 40 16.74 8.53 5.01
CA PHE E 40 16.62 8.05 3.64
C PHE E 40 16.26 6.57 3.57
N VAL E 41 16.96 5.72 4.33
CA VAL E 41 16.65 4.29 4.34
C VAL E 41 15.21 4.04 4.83
N ALA E 42 14.79 4.67 5.94
CA ALA E 42 13.44 4.50 6.48
C ALA E 42 12.38 4.89 5.45
N LEU E 43 12.64 5.98 4.71
CA LEU E 43 11.68 6.43 3.71
C LEU E 43 11.69 5.53 2.51
N ALA E 44 12.80 4.90 2.13
CA ALA E 44 12.79 3.98 1.01
C ALA E 44 12.11 2.66 1.34
N THR E 45 12.21 2.17 2.59
CA THR E 45 11.58 0.90 2.95
C THR E 45 10.07 1.07 3.12
N GLY E 46 9.70 2.28 3.51
CA GLY E 46 8.32 2.66 3.83
C GLY E 46 7.93 2.06 5.17
N GLU E 47 8.91 1.83 6.05
CA GLU E 47 8.65 1.12 7.29
C GLU E 47 7.83 1.89 8.29
N LYS E 48 7.95 3.20 8.27
CA LYS E 48 7.15 4.03 9.14
C LYS E 48 5.74 4.22 8.53
N GLY E 49 5.37 3.62 7.40
CA GLY E 49 4.06 3.74 6.80
C GLY E 49 3.90 4.93 5.86
N TYR E 50 4.99 5.53 5.37
CA TYR E 50 4.97 6.62 4.39
C TYR E 50 6.36 6.64 3.75
N GLY E 51 6.55 7.17 2.54
CA GLY E 51 7.90 7.18 2.02
C GLY E 51 7.93 7.33 0.53
N TYR E 52 8.99 6.81 -0.08
CA TYR E 52 9.26 7.10 -1.47
C TYR E 52 8.50 6.27 -2.49
N LYS E 53 7.96 5.09 -2.16
CA LYS E 53 7.30 4.30 -3.18
C LYS E 53 6.11 5.09 -3.77
N GLY E 54 6.08 5.19 -5.09
CA GLY E 54 5.05 5.90 -5.82
C GLY E 54 5.37 7.36 -6.08
N SER E 55 6.42 7.92 -5.49
CA SER E 55 6.73 9.32 -5.71
C SER E 55 7.45 9.49 -7.07
N ILE E 56 7.62 10.72 -7.54
CA ILE E 56 8.18 10.99 -8.86
C ILE E 56 9.39 11.91 -8.76
N PHE E 57 10.18 11.94 -9.84
CA PHE E 57 11.27 12.91 -9.97
C PHE E 57 10.59 14.12 -10.61
N HIS E 58 10.36 15.14 -9.80
CA HIS E 58 9.57 16.28 -10.24
C HIS E 58 10.34 17.42 -10.91
N ARG E 59 11.66 17.45 -10.83
CA ARG E 59 12.45 18.56 -11.40
C ARG E 59 13.70 17.92 -12.00
N VAL E 60 13.90 18.07 -13.31
CA VAL E 60 14.97 17.43 -14.06
C VAL E 60 15.64 18.53 -14.90
N ILE E 61 16.94 18.79 -14.75
CA ILE E 61 17.64 19.79 -15.57
C ILE E 61 18.88 19.07 -16.12
N LYS E 62 18.94 18.90 -17.43
CA LYS E 62 20.04 18.22 -18.11
C LYS E 62 21.38 18.87 -17.76
N ASP E 63 22.36 17.98 -17.60
CA ASP E 63 23.71 18.33 -17.18
C ASP E 63 23.75 18.97 -15.80
N PHE E 64 22.69 18.89 -14.97
CA PHE E 64 22.78 19.44 -13.63
C PHE E 64 22.37 18.37 -12.63
N MET E 65 21.11 17.96 -12.49
CA MET E 65 20.73 16.99 -11.47
C MET E 65 19.28 16.60 -11.72
N ILE E 66 18.84 15.50 -11.10
CA ILE E 66 17.41 15.16 -11.11
C ILE E 66 17.03 15.20 -9.63
N GLN E 67 15.82 15.69 -9.35
CA GLN E 67 15.34 15.94 -7.99
C GLN E 67 14.05 15.19 -7.74
N GLY E 68 13.89 14.60 -6.56
CA GLY E 68 12.70 13.83 -6.21
C GLY E 68 12.50 13.78 -4.69
N GLY E 69 11.66 12.87 -4.23
CA GLY E 69 11.44 12.66 -2.80
C GLY E 69 10.30 13.43 -2.16
N ASP E 70 9.54 14.21 -2.93
CA ASP E 70 8.39 14.94 -2.37
C ASP E 70 7.19 14.01 -2.49
N PHE E 71 7.03 13.14 -1.51
CA PHE E 71 5.93 12.21 -1.51
C PHE E 71 4.66 12.84 -0.93
N THR E 72 4.62 14.08 -0.44
CA THR E 72 3.35 14.57 0.07
C THR E 72 2.66 15.48 -0.94
N ALA E 73 3.41 16.39 -1.56
CA ALA E 73 2.87 17.34 -2.50
C ALA E 73 3.21 17.07 -3.96
N ARG E 74 4.20 16.21 -4.27
CA ARG E 74 4.59 15.88 -5.64
C ARG E 74 5.01 17.06 -6.52
N ASP E 75 5.42 18.22 -5.99
CA ASP E 75 5.79 19.37 -6.82
C ASP E 75 7.02 20.12 -6.36
N GLY E 76 7.57 19.76 -5.21
CA GLY E 76 8.77 20.36 -4.70
C GLY E 76 8.50 21.17 -3.45
N THR E 77 7.24 21.38 -3.06
CA THR E 77 6.96 22.15 -1.86
C THR E 77 6.82 21.26 -0.62
N GLY E 78 6.69 19.95 -0.76
CA GLY E 78 6.45 19.09 0.39
C GLY E 78 7.57 18.12 0.77
N GLY E 79 7.16 17.04 1.44
CA GLY E 79 8.02 16.02 1.99
C GLY E 79 8.20 16.27 3.49
N MET E 80 8.70 15.29 4.23
CA MET E 80 8.94 15.40 5.67
C MET E 80 9.91 14.28 6.05
N SER E 81 10.62 14.44 7.15
CA SER E 81 11.55 13.43 7.57
C SER E 81 10.89 12.47 8.56
N ILE E 82 11.60 11.43 9.01
CA ILE E 82 11.09 10.58 10.08
C ILE E 82 11.32 11.24 11.45
N TYR E 83 11.92 12.45 11.52
CA TYR E 83 12.23 13.16 12.74
C TYR E 83 11.26 14.31 13.00
N GLY E 84 10.46 14.69 12.00
CA GLY E 84 9.59 15.84 12.11
C GLY E 84 9.48 16.44 10.73
N GLU E 85 8.88 17.61 10.58
CA GLU E 85 8.74 18.26 9.27
C GLU E 85 10.12 18.41 8.63
N THR E 86 11.08 18.94 9.39
CA THR E 86 12.43 19.08 8.90
C THR E 86 13.41 18.58 9.94
N PHE E 87 14.68 18.45 9.58
CA PHE E 87 15.73 18.16 10.53
C PHE E 87 16.97 18.99 10.16
N PRO E 88 17.86 19.28 11.11
CA PRO E 88 19.05 20.08 10.93
C PRO E 88 20.07 19.46 9.99
N ASP E 89 20.94 20.33 9.48
CA ASP E 89 22.05 19.95 8.64
C ASP E 89 23.02 19.21 9.56
N GLU E 90 23.20 17.91 9.31
CA GLU E 90 24.05 17.07 10.13
C GLU E 90 25.51 17.49 10.11
N ASN E 91 26.09 17.70 8.94
CA ASN E 91 27.47 18.14 8.78
C ASN E 91 27.72 18.24 7.30
N PHE E 92 28.79 18.88 6.87
CA PHE E 92 29.10 18.98 5.45
C PHE E 92 30.46 18.36 5.17
N LYS E 93 30.70 17.18 5.73
CA LYS E 93 31.98 16.52 5.56
C LYS E 93 32.12 16.09 4.11
N LEU E 94 31.10 15.47 3.49
CA LEU E 94 31.19 15.07 2.09
C LEU E 94 30.88 16.24 1.17
N LYS E 95 31.49 16.25 -0.01
CA LYS E 95 31.29 17.30 -0.99
C LYS E 95 30.59 16.66 -2.16
N HIS E 96 30.12 17.47 -3.09
CA HIS E 96 29.46 17.00 -4.31
C HIS E 96 30.63 16.74 -5.25
N TYR E 97 31.28 15.59 -5.08
CA TYR E 97 32.53 15.31 -5.76
C TYR E 97 32.48 15.20 -7.27
N GLY E 98 31.36 14.81 -7.84
CA GLY E 98 31.26 14.64 -9.26
C GLY E 98 29.89 14.07 -9.54
N ILE E 99 29.78 13.47 -10.70
CA ILE E 99 28.53 12.87 -11.15
C ILE E 99 28.10 11.67 -10.29
N GLY E 100 26.79 11.59 -10.08
CA GLY E 100 26.17 10.45 -9.44
C GLY E 100 26.24 10.51 -7.91
N TRP E 101 26.54 11.67 -7.33
CA TRP E 101 26.51 11.75 -5.88
C TRP E 101 25.09 12.19 -5.51
N VAL E 102 24.66 11.79 -4.29
CA VAL E 102 23.29 11.99 -3.79
C VAL E 102 23.35 12.93 -2.60
N SER E 103 22.50 13.95 -2.66
CA SER E 103 22.50 15.01 -1.68
C SER E 103 21.08 15.46 -1.35
N MET E 104 20.91 16.11 -0.18
CA MET E 104 19.64 16.63 0.28
C MET E 104 19.28 17.99 -0.29
N ALA E 105 18.10 18.07 -0.91
CA ALA E 105 17.53 19.34 -1.32
C ALA E 105 17.01 20.05 -0.05
N ASN E 106 16.87 21.37 0.00
CA ASN E 106 16.41 22.01 1.23
C ASN E 106 15.85 23.38 0.87
N ALA E 107 15.44 24.19 1.83
CA ALA E 107 14.98 25.54 1.54
C ALA E 107 15.78 26.43 2.46
N GLY E 108 17.09 26.23 2.53
CA GLY E 108 17.93 27.01 3.40
C GLY E 108 18.48 26.16 4.54
N PRO E 109 19.31 26.70 5.43
CA PRO E 109 19.90 25.95 6.52
C PRO E 109 18.88 25.24 7.41
N ASP E 110 19.23 24.02 7.80
CA ASP E 110 18.44 23.14 8.65
C ASP E 110 17.00 22.90 8.26
N THR E 111 16.70 22.69 6.97
CA THR E 111 15.34 22.47 6.52
C THR E 111 15.30 21.22 5.70
N ASN E 112 16.02 20.18 6.16
CA ASN E 112 16.04 18.90 5.46
C ASN E 112 14.74 18.13 5.69
N GLY E 113 14.11 17.59 4.66
CA GLY E 113 12.90 16.82 4.80
C GLY E 113 13.12 15.49 4.16
N SER E 114 12.57 15.29 2.98
CA SER E 114 12.72 14.04 2.26
C SER E 114 13.24 14.23 0.84
N GLN E 115 13.37 15.47 0.34
CA GLN E 115 13.72 15.65 -1.07
C GLN E 115 15.22 15.58 -1.24
N PHE E 116 15.60 14.94 -2.32
CA PHE E 116 17.00 14.71 -2.61
C PHE E 116 17.26 14.95 -4.10
N PHE E 117 18.53 14.99 -4.49
CA PHE E 117 18.90 15.07 -5.88
C PHE E 117 20.14 14.21 -6.13
N ILE E 118 20.26 13.76 -7.37
CA ILE E 118 21.36 12.97 -7.88
C ILE E 118 22.09 13.90 -8.88
N THR E 119 23.39 14.15 -8.69
CA THR E 119 24.13 15.09 -9.51
C THR E 119 24.46 14.49 -10.87
N LEU E 120 24.47 15.36 -11.87
CA LEU E 120 24.87 14.99 -13.22
C LEU E 120 26.04 15.86 -13.66
N THR E 121 26.69 16.53 -12.73
CA THR E 121 27.86 17.36 -12.96
C THR E 121 28.56 17.44 -11.60
N LYS E 122 29.58 18.27 -11.44
CA LYS E 122 30.23 18.48 -10.18
C LYS E 122 29.74 19.86 -9.73
N PRO E 123 28.73 19.97 -8.86
CA PRO E 123 28.16 21.26 -8.47
C PRO E 123 28.85 21.84 -7.26
N THR E 124 30.06 22.32 -7.49
CA THR E 124 30.88 22.89 -6.45
C THR E 124 30.19 24.05 -5.74
N TRP E 125 29.33 24.82 -6.45
CA TRP E 125 28.62 25.93 -5.83
C TRP E 125 27.59 25.47 -4.80
N LEU E 126 27.33 24.15 -4.67
CA LEU E 126 26.42 23.64 -3.68
C LEU E 126 27.14 23.09 -2.45
N ASP E 127 28.48 22.93 -2.46
CA ASP E 127 29.19 22.35 -1.34
C ASP E 127 29.07 23.17 -0.09
N GLY E 128 28.80 22.55 1.04
CA GLY E 128 28.65 23.29 2.28
C GLY E 128 27.25 23.88 2.44
N LYS E 129 26.35 23.71 1.48
CA LYS E 129 24.98 24.15 1.67
C LYS E 129 23.98 23.01 1.61
N HIS E 130 24.38 21.85 1.11
CA HIS E 130 23.47 20.72 0.95
C HIS E 130 24.18 19.52 1.52
N VAL E 131 23.54 18.68 2.35
CA VAL E 131 24.22 17.55 2.99
C VAL E 131 24.32 16.39 2.00
N VAL E 132 25.54 15.98 1.65
CA VAL E 132 25.78 14.88 0.73
C VAL E 132 25.83 13.66 1.63
N PHE E 133 25.24 12.55 1.15
CA PHE E 133 25.11 11.34 1.95
C PHE E 133 25.18 10.05 1.17
N GLY E 134 25.27 10.05 -0.15
CA GLY E 134 25.34 8.80 -0.87
C GLY E 134 25.94 8.96 -2.26
N LYS E 135 26.05 7.85 -2.97
CA LYS E 135 26.57 7.79 -4.32
C LYS E 135 25.94 6.62 -5.07
N VAL E 136 25.50 6.87 -6.31
CA VAL E 136 24.90 5.85 -7.16
C VAL E 136 26.02 4.86 -7.46
N LEU E 137 25.74 3.60 -7.20
CA LEU E 137 26.66 2.54 -7.47
C LEU E 137 26.29 1.79 -8.73
N ASP E 138 25.00 1.76 -9.09
CA ASP E 138 24.53 1.05 -10.27
C ASP E 138 23.30 1.79 -10.74
N GLY E 139 23.04 1.77 -12.04
CA GLY E 139 21.85 2.41 -12.58
C GLY E 139 22.05 3.82 -13.11
N MET E 140 23.28 4.28 -13.37
CA MET E 140 23.42 5.62 -13.98
C MET E 140 22.74 5.73 -15.35
N THR E 141 22.57 4.62 -16.08
CA THR E 141 21.84 4.63 -17.34
C THR E 141 20.40 5.06 -17.11
N VAL E 142 19.80 4.52 -16.04
CA VAL E 142 18.44 4.87 -15.64
C VAL E 142 18.40 6.36 -15.31
N VAL E 143 19.38 6.87 -14.55
CA VAL E 143 19.45 8.29 -14.25
C VAL E 143 19.51 9.12 -15.54
N HIS E 144 20.28 8.70 -16.55
CA HIS E 144 20.34 9.46 -17.79
C HIS E 144 19.03 9.33 -18.59
N SER E 145 18.27 8.24 -18.51
CA SER E 145 16.96 8.14 -19.16
C SER E 145 15.99 9.19 -18.59
N ILE E 146 16.04 9.43 -17.28
CA ILE E 146 15.18 10.43 -16.66
C ILE E 146 15.67 11.78 -17.14
N GLU E 147 16.98 11.99 -17.19
CA GLU E 147 17.58 13.26 -17.60
C GLU E 147 17.21 13.73 -19.00
N LEU E 148 17.09 12.77 -19.91
CA LEU E 148 16.72 13.11 -21.26
C LEU E 148 15.23 13.37 -21.47
N GLN E 149 14.39 13.24 -20.45
CA GLN E 149 12.96 13.45 -20.62
C GLN E 149 12.60 14.88 -20.95
N ALA E 150 11.67 15.04 -21.88
CA ALA E 150 11.15 16.38 -22.21
C ALA E 150 10.47 16.99 -20.98
N THR E 151 10.73 18.28 -20.65
CA THR E 151 10.14 18.86 -19.48
C THR E 151 9.25 20.05 -19.87
N ASP E 152 8.44 20.55 -18.94
CA ASP E 152 7.56 21.72 -19.18
C ASP E 152 8.35 22.94 -18.74
N GLY E 153 7.72 24.09 -18.63
CA GLY E 153 8.37 25.31 -18.20
C GLY E 153 8.74 25.36 -16.72
N HIS E 154 8.50 24.29 -15.97
CA HIS E 154 8.93 24.25 -14.59
C HIS E 154 9.93 23.12 -14.43
N ASP E 155 10.49 22.60 -15.54
CA ASP E 155 11.50 21.54 -15.53
C ASP E 155 10.94 20.26 -14.93
N ARG E 156 9.61 20.07 -15.00
CA ARG E 156 9.00 18.83 -14.54
C ARG E 156 8.85 18.00 -15.80
N PRO E 157 9.23 16.72 -15.83
CA PRO E 157 9.00 15.83 -16.96
C PRO E 157 7.54 15.73 -17.43
N LEU E 158 7.32 15.70 -18.74
CA LEU E 158 5.99 15.60 -19.30
C LEU E 158 5.44 14.19 -19.15
N THR E 159 6.29 13.18 -19.06
CA THR E 159 5.86 11.83 -18.77
C THR E 159 6.41 11.55 -17.38
N ASP E 160 5.57 11.16 -16.41
CA ASP E 160 6.00 10.85 -15.05
C ASP E 160 7.09 9.78 -14.99
N CYS E 161 8.11 10.06 -14.17
CA CYS E 161 9.26 9.18 -13.94
C CYS E 161 9.05 8.79 -12.47
N THR E 162 8.46 7.60 -12.27
CA THR E 162 8.02 7.15 -10.96
C THR E 162 8.90 6.09 -10.31
N ILE E 163 9.07 6.20 -8.98
CA ILE E 163 9.71 5.15 -8.20
C ILE E 163 8.57 4.17 -7.93
N VAL E 164 8.48 3.09 -8.68
CA VAL E 164 7.41 2.12 -8.45
C VAL E 164 7.78 1.16 -7.31
N ASN E 165 9.05 0.99 -6.96
CA ASN E 165 9.43 0.16 -5.84
C ASN E 165 10.71 0.70 -5.25
N SER E 166 10.91 0.55 -3.94
CA SER E 166 12.12 1.02 -3.28
C SER E 166 12.36 0.13 -2.07
N GLY E 167 13.58 0.12 -1.53
CA GLY E 167 13.88 -0.71 -0.38
C GLY E 167 15.36 -0.61 -0.06
N LYS E 168 15.83 -1.45 0.82
CA LYS E 168 17.21 -1.43 1.23
C LYS E 168 17.81 -2.79 0.88
N ILE E 169 19.14 -2.82 0.75
CA ILE E 169 19.89 -4.03 0.52
C ILE E 169 20.98 -3.98 1.60
N ASP E 170 21.12 -5.03 2.38
CA ASP E 170 22.13 -5.05 3.43
C ASP E 170 23.56 -5.15 2.87
N VAL E 171 24.53 -4.51 3.51
CA VAL E 171 25.94 -4.56 3.12
C VAL E 171 26.62 -5.39 4.20
N LYS E 172 27.09 -6.60 3.93
CA LYS E 172 27.72 -7.43 4.95
C LYS E 172 29.01 -6.81 5.49
N THR E 173 29.87 -6.22 4.65
CA THR E 173 31.09 -5.60 5.12
C THR E 173 31.16 -4.26 4.39
N PRO E 174 31.25 -3.12 5.06
CA PRO E 174 31.49 -1.82 4.44
C PRO E 174 32.68 -1.79 3.48
N PHE E 175 32.61 -0.97 2.45
CA PHE E 175 33.71 -0.85 1.52
C PHE E 175 33.89 0.62 1.19
N VAL E 176 35.14 1.00 0.90
CA VAL E 176 35.57 2.37 0.66
C VAL E 176 35.19 2.92 -0.71
N VAL E 177 34.72 4.15 -0.79
CA VAL E 177 34.51 4.82 -2.06
C VAL E 177 35.63 5.85 -1.94
N GLU E 178 36.65 5.69 -2.79
CA GLU E 178 37.81 6.58 -2.76
C GLU E 178 37.40 7.99 -3.11
N VAL E 179 37.75 8.98 -2.28
CA VAL E 179 37.51 10.36 -2.65
C VAL E 179 38.84 11.06 -2.37
N PRO E 180 39.23 12.07 -3.19
CA PRO E 180 40.51 12.78 -3.10
C PRO E 180 41.11 13.05 -1.72
N ASP E 181 40.71 14.09 -1.00
CA ASP E 181 41.30 14.33 0.30
C ASP E 181 40.34 13.67 1.27
N TRP E 182 40.77 12.81 2.19
CA TRP E 182 39.87 12.22 3.18
C TRP E 182 40.57 11.82 4.49
N DAL F 1 19.08 30.15 -12.08
CA DAL F 1 20.40 29.60 -12.25
CB DAL F 1 20.86 29.80 -13.70
C DAL F 1 20.37 28.11 -11.91
O DAL F 1 19.53 27.37 -12.44
H DAL F 1 18.43 30.01 -12.78
N MLE F 2 21.26 27.58 -11.04
CN MLE F 2 22.18 28.46 -10.27
CA MLE F 2 21.25 26.14 -10.77
CB MLE F 2 22.51 25.53 -11.42
CG MLE F 2 22.69 25.68 -12.92
CD1 MLE F 2 24.00 25.05 -13.30
CD2 MLE F 2 21.55 24.99 -13.68
C MLE F 2 21.17 25.82 -9.26
O MLE F 2 22.16 25.43 -8.65
N MLE F 3 20.01 26.05 -8.61
CN MLE F 3 18.80 26.64 -9.28
CA MLE F 3 19.95 25.67 -7.21
CB MLE F 3 19.45 26.93 -6.45
CG MLE F 3 20.35 28.16 -6.42
CD1 MLE F 3 19.76 29.15 -5.44
CD2 MLE F 3 21.75 27.83 -5.95
C MLE F 3 19.08 24.44 -7.01
O MLE F 3 18.44 23.94 -7.97
N MVA F 4 19.05 23.81 -5.82
CN MVA F 4 20.05 24.13 -4.74
CA MVA F 4 18.09 22.72 -5.64
CB MVA F 4 18.83 21.35 -5.43
CG1 MVA F 4 17.82 20.21 -5.41
CG2 MVA F 4 19.76 21.04 -6.61
C MVA F 4 17.25 23.09 -4.41
O MVA F 4 17.56 22.62 -3.29
N BMT F 5 16.24 23.97 -4.55
CN BMT F 5 15.76 24.40 -5.91
CA BMT F 5 15.46 24.28 -3.34
C BMT F 5 14.08 23.58 -3.31
O BMT F 5 13.64 22.89 -4.26
CB BMT F 5 15.31 25.83 -3.17
OG1 BMT F 5 14.48 26.38 -4.18
CG2 BMT F 5 16.69 26.56 -3.18
CD1 BMT F 5 17.76 25.93 -2.27
CD2 BMT F 5 16.67 28.09 -3.10
CE BMT F 5 16.32 28.67 -1.73
CZ BMT F 5 14.98 28.91 -1.32
CH BMT F 5 14.67 29.12 0.16
HG1 BMT F 5 14.41 27.34 -4.07
HE BMT F 5 17.14 28.92 -1.06
HZ BMT F 5 14.22 29.09 -2.05
N ABA F 6 13.43 23.66 -2.16
CA ABA F 6 12.17 22.96 -1.99
C ABA F 6 11.12 24.02 -1.68
O ABA F 6 10.97 24.40 -0.51
CB ABA F 6 12.31 21.96 -0.84
CG ABA F 6 13.38 20.87 -1.05
H ABA F 6 13.79 24.21 -1.44
N SAR F 7 10.43 24.61 -2.65
CA SAR F 7 9.44 25.65 -2.38
C SAR F 7 9.71 26.91 -3.18
O SAR F 7 8.98 27.14 -4.15
CN SAR F 7 10.57 24.26 -4.10
N MLE F 8 10.71 27.77 -2.90
CN MLE F 8 11.66 27.52 -1.77
CA MLE F 8 10.90 28.92 -3.77
CB MLE F 8 11.08 30.14 -2.86
CG MLE F 8 11.29 31.50 -3.54
CD1 MLE F 8 10.20 31.73 -4.59
CD2 MLE F 8 11.30 32.59 -2.47
C MLE F 8 12.11 28.65 -4.66
O MLE F 8 13.27 28.85 -4.28
N VAL F 9 11.80 28.14 -5.86
CA VAL F 9 12.81 27.75 -6.82
C VAL F 9 13.46 29.02 -7.35
N MLE F 10 14.79 29.20 -7.29
CN MLE F 10 15.72 28.08 -6.90
CA MLE F 10 15.34 30.46 -7.77
CB MLE F 10 16.24 30.97 -6.63
CG MLE F 10 15.55 31.25 -5.28
CD1 MLE F 10 16.59 31.70 -4.28
CD2 MLE F 10 14.48 32.30 -5.41
C MLE F 10 16.06 30.31 -9.12
O MLE F 10 15.99 29.25 -9.76
N ALA F 11 16.73 31.34 -9.60
CA ALA F 11 17.34 31.29 -10.93
C ALA F 11 18.73 30.68 -10.92
N LYS G 1 33.41 -25.29 -7.81
CA LYS G 1 33.82 -26.47 -8.50
C LYS G 1 32.52 -26.75 -9.24
N ARG G 2 31.71 -27.74 -8.95
CA ARG G 2 30.56 -28.03 -9.80
C ARG G 2 29.28 -27.78 -9.02
N GLY G 3 28.35 -27.04 -9.62
CA GLY G 3 27.07 -26.78 -8.99
C GLY G 3 26.24 -25.89 -9.89
N PRO G 4 24.93 -25.82 -9.66
CA PRO G 4 24.06 -24.85 -10.32
C PRO G 4 24.42 -23.43 -9.89
N SER G 5 24.13 -22.44 -10.73
CA SER G 5 24.44 -21.06 -10.42
C SER G 5 23.24 -20.25 -9.95
N VAL G 6 23.49 -19.37 -8.98
CA VAL G 6 22.48 -18.43 -8.51
C VAL G 6 22.43 -17.29 -9.52
N THR G 7 21.25 -17.09 -10.12
CA THR G 7 21.01 -16.03 -11.09
C THR G 7 20.22 -14.85 -10.57
N ASP G 8 19.51 -15.05 -9.46
CA ASP G 8 18.60 -14.04 -8.93
C ASP G 8 18.54 -14.25 -7.42
N LYS G 9 18.10 -13.24 -6.68
CA LYS G 9 17.93 -13.34 -5.25
C LYS G 9 16.63 -12.68 -4.88
N VAL G 10 15.95 -13.21 -3.86
CA VAL G 10 14.73 -12.62 -3.32
C VAL G 10 14.94 -12.40 -1.82
N PHE G 11 14.42 -11.35 -1.22
CA PHE G 11 14.47 -11.20 0.24
C PHE G 11 13.06 -11.17 0.82
N PHE G 12 12.99 -11.58 2.10
CA PHE G 12 11.80 -11.57 2.94
C PHE G 12 12.21 -10.95 4.25
N ASP G 13 11.64 -9.81 4.62
CA ASP G 13 11.82 -9.21 5.93
C ASP G 13 10.66 -9.77 6.76
N VAL G 14 11.01 -10.33 7.91
CA VAL G 14 10.06 -11.08 8.72
C VAL G 14 9.82 -10.48 10.11
N ARG G 15 8.55 -10.47 10.48
CA ARG G 15 8.11 -10.03 11.80
C ARG G 15 7.28 -11.14 12.44
N ILE G 16 7.59 -11.46 13.69
CA ILE G 16 6.86 -12.47 14.44
C ILE G 16 6.17 -11.62 15.50
N GLY G 17 4.85 -11.55 15.42
CA GLY G 17 4.08 -10.66 16.28
C GLY G 17 4.36 -9.26 15.83
N ASP G 18 4.87 -8.41 16.70
CA ASP G 18 5.34 -7.13 16.22
C ASP G 18 6.85 -7.04 16.43
N LYS G 19 7.48 -8.20 16.65
CA LYS G 19 8.91 -8.26 16.80
C LYS G 19 9.56 -8.49 15.45
N ASP G 20 10.22 -7.46 14.91
CA ASP G 20 11.01 -7.60 13.70
C ASP G 20 12.22 -8.44 14.02
N VAL G 21 12.34 -9.57 13.31
CA VAL G 21 13.43 -10.49 13.58
C VAL G 21 14.49 -10.47 12.49
N GLY G 22 14.25 -10.08 11.23
CA GLY G 22 15.33 -10.03 10.28
C GLY G 22 14.90 -10.42 8.89
N ARG G 23 15.90 -10.55 8.01
CA ARG G 23 15.72 -10.81 6.58
C ARG G 23 16.21 -12.18 6.15
N ILE G 24 15.44 -12.89 5.36
CA ILE G 24 15.89 -14.12 4.74
C ILE G 24 16.28 -13.73 3.31
N VAL G 25 17.46 -14.12 2.82
CA VAL G 25 17.81 -13.90 1.42
C VAL G 25 17.91 -15.28 0.77
N ILE G 26 17.21 -15.48 -0.34
CA ILE G 26 17.15 -16.72 -1.07
C ILE G 26 17.80 -16.56 -2.44
N GLY G 27 18.79 -17.43 -2.74
CA GLY G 27 19.39 -17.47 -4.05
C GLY G 27 18.59 -18.41 -4.91
N LEU G 28 18.35 -18.05 -6.17
CA LEU G 28 17.49 -18.83 -7.05
C LEU G 28 18.25 -19.32 -8.29
N PHE G 29 17.91 -20.53 -8.72
CA PHE G 29 18.64 -21.18 -9.79
C PHE G 29 17.87 -21.05 -11.09
N GLY G 30 17.94 -19.82 -11.62
CA GLY G 30 17.19 -19.41 -12.80
C GLY G 30 17.52 -20.14 -14.09
N ASN G 31 18.71 -20.72 -14.24
CA ASN G 31 19.02 -21.42 -15.50
C ASN G 31 18.48 -22.82 -15.47
N VAL G 32 18.36 -23.38 -14.25
CA VAL G 32 17.89 -24.73 -14.12
C VAL G 32 16.36 -24.77 -14.17
N VAL G 33 15.68 -23.90 -13.41
CA VAL G 33 14.21 -23.88 -13.36
C VAL G 33 13.65 -22.48 -13.60
N PRO G 34 13.76 -21.94 -14.82
CA PRO G 34 13.45 -20.57 -15.12
C PRO G 34 12.01 -20.14 -14.89
N LYS G 35 11.03 -20.99 -15.16
CA LYS G 35 9.62 -20.59 -15.03
C LYS G 35 9.27 -20.55 -13.56
N THR G 36 9.73 -21.55 -12.79
CA THR G 36 9.50 -21.62 -11.36
C THR G 36 10.15 -20.41 -10.73
N VAL G 37 11.39 -20.04 -11.11
CA VAL G 37 12.03 -18.89 -10.54
C VAL G 37 11.31 -17.60 -10.92
N GLU G 38 10.88 -17.43 -12.17
CA GLU G 38 10.21 -16.22 -12.62
C GLU G 38 8.95 -15.98 -11.77
N ASN G 39 8.21 -17.06 -11.54
CA ASN G 39 7.02 -17.03 -10.71
C ASN G 39 7.30 -16.52 -9.30
N PHE G 40 8.29 -17.13 -8.63
CA PHE G 40 8.68 -16.76 -7.29
C PHE G 40 9.13 -15.30 -7.25
N VAL G 41 9.94 -14.82 -8.21
CA VAL G 41 10.41 -13.45 -8.16
C VAL G 41 9.28 -12.46 -8.39
N ALA G 42 8.39 -12.68 -9.35
CA ALA G 42 7.26 -11.77 -9.55
C ALA G 42 6.37 -11.67 -8.29
N LEU G 43 6.07 -12.79 -7.61
CA LEU G 43 5.28 -12.77 -6.37
C LEU G 43 6.03 -12.07 -5.26
N ALA G 44 7.36 -12.13 -5.23
CA ALA G 44 8.11 -11.40 -4.22
C ALA G 44 8.12 -9.90 -4.48
N THR G 45 8.17 -9.44 -5.74
CA THR G 45 8.17 -8.00 -6.02
C THR G 45 6.77 -7.37 -5.93
N GLY G 46 5.74 -8.21 -6.13
CA GLY G 46 4.36 -7.78 -6.16
C GLY G 46 4.07 -7.11 -7.50
N GLU G 47 4.87 -7.40 -8.53
CA GLU G 47 4.76 -6.64 -9.75
C GLU G 47 3.49 -6.87 -10.51
N LYS G 48 2.83 -8.02 -10.36
CA LYS G 48 1.57 -8.29 -11.04
C LYS G 48 0.38 -7.80 -10.20
N GLY G 49 0.60 -7.08 -9.10
CA GLY G 49 -0.49 -6.60 -8.28
C GLY G 49 -0.86 -7.51 -7.12
N TYR G 50 -0.16 -8.63 -6.93
CA TYR G 50 -0.42 -9.52 -5.81
C TYR G 50 0.87 -10.25 -5.47
N GLY G 51 1.03 -10.76 -4.26
CA GLY G 51 2.24 -11.48 -3.95
C GLY G 51 2.41 -11.82 -2.48
N TYR G 52 3.69 -11.99 -2.10
CA TYR G 52 4.02 -12.47 -0.78
C TYR G 52 4.02 -11.42 0.31
N LYS G 53 4.14 -10.12 0.06
CA LYS G 53 4.12 -9.14 1.14
C LYS G 53 2.78 -9.25 1.87
N GLY G 54 2.89 -9.40 3.19
CA GLY G 54 1.76 -9.54 4.09
C GLY G 54 1.30 -10.97 4.31
N SER G 55 1.88 -11.96 3.64
CA SER G 55 1.48 -13.33 3.86
C SER G 55 2.24 -13.89 5.08
N ILE G 56 1.86 -15.06 5.54
CA ILE G 56 2.43 -15.62 6.77
C ILE G 56 3.02 -17.01 6.50
N PHE G 57 3.84 -17.52 7.42
CA PHE G 57 4.24 -18.92 7.35
C PHE G 57 3.17 -19.67 8.12
N HIS G 58 2.35 -20.44 7.44
CA HIS G 58 1.17 -21.05 8.07
C HIS G 58 1.35 -22.43 8.69
N ARG G 59 2.46 -23.12 8.39
CA ARG G 59 2.68 -24.47 8.88
C ARG G 59 4.18 -24.56 9.17
N VAL G 60 4.51 -24.85 10.43
CA VAL G 60 5.88 -24.91 10.89
C VAL G 60 5.98 -26.27 11.61
N ILE G 61 6.96 -27.13 11.28
CA ILE G 61 7.12 -28.42 11.92
C ILE G 61 8.62 -28.44 12.22
N LYS G 62 8.98 -28.40 13.50
CA LYS G 62 10.37 -28.36 13.91
C LYS G 62 11.15 -29.55 13.32
N ASP G 63 12.42 -29.34 12.98
CA ASP G 63 13.32 -30.33 12.36
C ASP G 63 12.81 -30.80 11.00
N PHE G 64 11.86 -30.11 10.37
CA PHE G 64 11.40 -30.56 9.06
C PHE G 64 11.38 -29.41 8.05
N MET G 65 10.48 -28.43 8.16
CA MET G 65 10.42 -27.32 7.22
C MET G 65 9.45 -26.27 7.76
N ILE G 66 9.51 -25.08 7.18
CA ILE G 66 8.51 -24.06 7.47
C ILE G 66 7.85 -23.80 6.12
N GLN G 67 6.54 -23.56 6.06
CA GLN G 67 5.83 -23.46 4.79
C GLN G 67 5.04 -22.17 4.71
N GLY G 68 5.08 -21.48 3.59
CA GLY G 68 4.33 -20.25 3.45
C GLY G 68 3.86 -20.06 2.01
N GLY G 69 3.52 -18.82 1.66
CA GLY G 69 3.15 -18.49 0.31
C GLY G 69 1.68 -18.53 -0.02
N ASP G 70 0.78 -18.82 0.93
CA ASP G 70 -0.64 -18.81 0.61
C ASP G 70 -1.21 -17.41 0.85
N PHE G 71 -1.08 -16.55 -0.15
CA PHE G 71 -1.57 -15.20 0.02
C PHE G 71 -3.06 -15.10 -0.37
N THR G 72 -3.79 -16.14 -0.79
CA THR G 72 -5.20 -15.92 -1.04
C THR G 72 -6.01 -16.47 0.14
N ALA G 73 -5.86 -17.70 0.59
CA ALA G 73 -6.64 -18.21 1.71
C ALA G 73 -5.90 -18.21 3.03
N ARG G 74 -4.59 -17.99 3.05
CA ARG G 74 -3.77 -17.90 4.26
C ARG G 74 -3.84 -19.10 5.22
N ASP G 75 -4.23 -20.27 4.72
CA ASP G 75 -4.40 -21.47 5.53
C ASP G 75 -3.80 -22.73 4.92
N GLY G 76 -3.38 -22.66 3.66
CA GLY G 76 -2.78 -23.78 3.00
C GLY G 76 -3.62 -24.29 1.87
N THR G 77 -4.83 -23.78 1.64
CA THR G 77 -5.64 -24.27 0.55
C THR G 77 -5.54 -23.37 -0.69
N GLY G 78 -4.91 -22.22 -0.56
CA GLY G 78 -4.85 -21.32 -1.69
C GLY G 78 -3.49 -21.09 -2.34
N GLY G 79 -3.32 -19.86 -2.75
CA GLY G 79 -2.18 -19.46 -3.53
C GLY G 79 -2.50 -19.50 -5.02
N MET G 80 -1.74 -18.74 -5.79
CA MET G 80 -2.01 -18.50 -7.21
C MET G 80 -0.65 -18.27 -7.89
N SER G 81 -0.38 -18.72 -9.10
CA SER G 81 0.90 -18.39 -9.74
C SER G 81 0.65 -17.30 -10.78
N ILE G 82 1.73 -16.73 -11.33
CA ILE G 82 1.58 -15.76 -12.42
C ILE G 82 1.18 -16.43 -13.72
N TYR G 83 1.12 -17.76 -13.84
CA TYR G 83 0.73 -18.44 -15.06
C TYR G 83 -0.73 -18.89 -14.97
N GLY G 84 -1.40 -18.65 -13.85
CA GLY G 84 -2.72 -19.19 -13.68
C GLY G 84 -2.78 -19.86 -12.33
N GLU G 85 -3.89 -20.52 -12.00
CA GLU G 85 -4.02 -21.13 -10.70
C GLU G 85 -2.98 -22.22 -10.45
N THR G 86 -2.54 -22.96 -11.45
CA THR G 86 -1.50 -23.95 -11.26
C THR G 86 -0.54 -23.92 -12.44
N PHE G 87 0.66 -24.45 -12.28
CA PHE G 87 1.53 -24.65 -13.42
C PHE G 87 2.27 -25.98 -13.21
N PRO G 88 2.68 -26.65 -14.30
CA PRO G 88 3.26 -27.98 -14.29
C PRO G 88 4.61 -28.04 -13.59
N ASP G 89 4.99 -29.18 -13.03
CA ASP G 89 6.32 -29.40 -12.49
C ASP G 89 7.35 -29.22 -13.61
N GLU G 90 8.28 -28.29 -13.44
CA GLU G 90 9.20 -27.93 -14.52
C GLU G 90 10.21 -29.01 -14.86
N ASN G 91 10.84 -29.55 -13.83
CA ASN G 91 11.79 -30.66 -13.92
C ASN G 91 12.16 -30.90 -12.47
N PHE G 92 12.89 -32.00 -12.24
CA PHE G 92 13.30 -32.37 -10.89
C PHE G 92 14.80 -32.54 -10.91
N LYS G 93 15.53 -31.62 -11.56
CA LYS G 93 16.99 -31.73 -11.60
C LYS G 93 17.59 -31.53 -10.21
N LEU G 94 17.09 -30.58 -9.41
CA LEU G 94 17.62 -30.36 -8.08
C LEU G 94 16.94 -31.27 -7.07
N LYS G 95 17.65 -31.62 -6.01
CA LYS G 95 17.20 -32.57 -5.01
C LYS G 95 17.08 -31.69 -3.77
N HIS G 96 16.49 -32.10 -2.66
CA HIS G 96 16.40 -31.32 -1.45
C HIS G 96 17.71 -31.69 -0.76
N TYR G 97 18.81 -31.05 -1.19
CA TYR G 97 20.14 -31.45 -0.77
C TYR G 97 20.41 -31.48 0.73
N GLY G 98 19.82 -30.55 1.49
CA GLY G 98 20.01 -30.44 2.91
C GLY G 98 19.19 -29.29 3.46
N ILE G 99 19.60 -28.77 4.58
CA ILE G 99 18.91 -27.70 5.28
C ILE G 99 19.04 -26.39 4.50
N GLY G 100 17.95 -25.64 4.43
CA GLY G 100 17.95 -24.31 3.85
C GLY G 100 17.61 -24.32 2.38
N TRP G 101 17.24 -25.45 1.79
CA TRP G 101 16.87 -25.48 0.38
C TRP G 101 15.41 -25.11 0.28
N VAL G 102 15.01 -24.55 -0.86
CA VAL G 102 13.67 -24.01 -1.03
C VAL G 102 13.01 -24.75 -2.18
N SER G 103 11.77 -25.18 -1.94
CA SER G 103 11.04 -26.00 -2.87
C SER G 103 9.55 -25.65 -2.89
N MET G 104 8.86 -26.06 -3.95
CA MET G 104 7.43 -25.79 -4.10
C MET G 104 6.56 -26.84 -3.41
N ALA G 105 5.64 -26.35 -2.59
CA ALA G 105 4.61 -27.21 -2.02
C ALA G 105 3.62 -27.47 -3.16
N ASN G 106 2.86 -28.57 -3.12
CA ASN G 106 1.89 -28.83 -4.18
C ASN G 106 0.80 -29.74 -3.60
N ALA G 107 -0.15 -30.19 -4.40
CA ALA G 107 -1.19 -31.09 -3.97
C ALA G 107 -1.19 -32.18 -5.03
N GLY G 108 0.00 -32.69 -5.37
CA GLY G 108 0.09 -33.74 -6.37
C GLY G 108 0.81 -33.24 -7.62
N PRO G 109 1.09 -34.07 -8.62
CA PRO G 109 1.82 -33.64 -9.81
C PRO G 109 1.14 -32.50 -10.53
N ASP G 110 1.97 -31.56 -10.95
CA ASP G 110 1.60 -30.38 -11.69
C ASP G 110 0.56 -29.47 -11.06
N THR G 111 0.67 -29.19 -9.77
CA THR G 111 -0.28 -28.30 -9.10
C THR G 111 0.49 -27.22 -8.35
N ASN G 112 1.55 -26.72 -8.98
CA ASN G 112 2.36 -25.68 -8.35
C ASN G 112 1.56 -24.39 -8.42
N GLY G 113 1.53 -23.57 -7.38
CA GLY G 113 0.80 -22.31 -7.35
C GLY G 113 1.75 -21.28 -6.78
N SER G 114 1.69 -21.02 -5.49
CA SER G 114 2.60 -20.06 -4.88
C SER G 114 3.21 -20.51 -3.55
N GLN G 115 2.74 -21.64 -3.03
CA GLN G 115 3.23 -22.07 -1.73
C GLN G 115 4.58 -22.75 -1.90
N PHE G 116 5.42 -22.47 -0.92
CA PHE G 116 6.79 -22.95 -0.91
C PHE G 116 7.16 -23.36 0.52
N PHE G 117 8.26 -24.06 0.70
CA PHE G 117 8.77 -24.43 2.01
C PHE G 117 10.29 -24.32 2.02
N ILE G 118 10.87 -24.08 3.19
CA ILE G 118 12.32 -24.00 3.35
C ILE G 118 12.62 -25.22 4.22
N THR G 119 13.55 -26.09 3.83
CA THR G 119 13.85 -27.30 4.56
C THR G 119 14.65 -27.02 5.83
N LEU G 120 14.43 -27.87 6.81
CA LEU G 120 15.15 -27.80 8.07
C LEU G 120 15.80 -29.14 8.37
N THR G 121 15.85 -29.99 7.36
CA THR G 121 16.47 -31.30 7.38
C THR G 121 16.80 -31.61 5.90
N LYS G 122 17.22 -32.81 5.58
CA LYS G 122 17.46 -33.25 4.23
C LYS G 122 16.30 -34.19 3.90
N PRO G 123 15.18 -33.77 3.30
CA PRO G 123 14.02 -34.62 3.07
C PRO G 123 14.09 -35.43 1.80
N THR G 124 14.97 -36.43 1.76
CA THR G 124 15.14 -37.22 0.56
C THR G 124 13.84 -37.85 0.05
N TRP G 125 12.85 -38.15 0.94
CA TRP G 125 11.56 -38.71 0.53
C TRP G 125 10.71 -37.77 -0.35
N LEU G 126 11.03 -36.48 -0.38
CA LEU G 126 10.35 -35.52 -1.21
C LEU G 126 10.99 -35.35 -2.59
N ASP G 127 12.22 -35.82 -2.80
CA ASP G 127 12.91 -35.72 -4.09
C ASP G 127 12.12 -36.42 -5.16
N GLY G 128 12.03 -35.71 -6.27
CA GLY G 128 11.27 -36.21 -7.38
C GLY G 128 9.78 -35.90 -7.25
N LYS G 129 9.30 -35.26 -6.16
CA LYS G 129 7.88 -34.92 -6.04
C LYS G 129 7.65 -33.42 -6.02
N HIS G 130 8.60 -32.65 -5.49
CA HIS G 130 8.49 -31.20 -5.33
C HIS G 130 9.67 -30.54 -6.03
N VAL G 131 9.39 -29.54 -6.86
CA VAL G 131 10.41 -28.82 -7.63
C VAL G 131 11.21 -27.88 -6.73
N VAL G 132 12.50 -28.20 -6.60
CA VAL G 132 13.44 -27.41 -5.83
C VAL G 132 13.93 -26.31 -6.78
N PHE G 133 14.08 -25.08 -6.27
CA PHE G 133 14.46 -23.95 -7.11
C PHE G 133 15.31 -22.93 -6.39
N GLY G 134 15.69 -23.08 -5.12
CA GLY G 134 16.47 -22.05 -4.45
C GLY G 134 17.15 -22.56 -3.19
N LYS G 135 17.94 -21.71 -2.56
CA LYS G 135 18.63 -22.05 -1.34
C LYS G 135 18.79 -20.77 -0.53
N VAL G 136 18.62 -20.82 0.80
CA VAL G 136 18.82 -19.69 1.69
C VAL G 136 20.32 -19.41 1.75
N LEU G 137 20.65 -18.16 1.42
CA LEU G 137 22.02 -17.70 1.43
C LEU G 137 22.31 -16.96 2.73
N ASP G 138 21.30 -16.30 3.30
CA ASP G 138 21.52 -15.59 4.55
C ASP G 138 20.21 -15.57 5.30
N GLY G 139 20.26 -15.54 6.61
CA GLY G 139 19.07 -15.46 7.45
C GLY G 139 18.50 -16.79 7.95
N MET G 140 19.35 -17.83 8.10
CA MET G 140 18.85 -19.09 8.66
C MET G 140 18.54 -18.92 10.14
N THR G 141 19.09 -17.92 10.81
CA THR G 141 18.73 -17.66 12.20
C THR G 141 17.30 -17.20 12.22
N VAL G 142 16.87 -16.47 11.19
CA VAL G 142 15.48 -16.03 11.06
C VAL G 142 14.63 -17.29 10.85
N VAL G 143 15.05 -18.21 9.97
CA VAL G 143 14.30 -19.42 9.72
C VAL G 143 14.13 -20.22 11.01
N HIS G 144 15.17 -20.25 11.84
CA HIS G 144 15.10 -20.97 13.10
C HIS G 144 14.27 -20.27 14.16
N SER G 145 14.18 -18.94 14.18
CA SER G 145 13.27 -18.25 15.10
C SER G 145 11.82 -18.61 14.81
N ILE G 146 11.46 -18.76 13.53
CA ILE G 146 10.12 -19.18 13.11
C ILE G 146 9.93 -20.63 13.54
N GLU G 147 10.95 -21.48 13.34
CA GLU G 147 10.89 -22.89 13.71
C GLU G 147 10.56 -23.12 15.19
N LEU G 148 11.09 -22.29 16.07
CA LEU G 148 10.87 -22.43 17.49
C LEU G 148 9.56 -21.86 17.99
N GLN G 149 8.71 -21.30 17.13
CA GLN G 149 7.46 -20.75 17.59
C GLN G 149 6.49 -21.85 17.96
N ALA G 150 5.78 -21.66 19.08
CA ALA G 150 4.78 -22.62 19.51
C ALA G 150 3.67 -22.67 18.48
N THR G 151 3.17 -23.85 18.19
CA THR G 151 2.15 -24.03 17.20
C THR G 151 0.87 -24.63 17.77
N ASP G 152 -0.21 -24.57 17.00
CA ASP G 152 -1.43 -25.20 17.40
C ASP G 152 -1.40 -26.64 16.89
N GLY G 153 -2.50 -27.37 16.97
CA GLY G 153 -2.49 -28.77 16.59
C GLY G 153 -2.56 -28.99 15.10
N HIS G 154 -2.55 -27.94 14.30
CA HIS G 154 -2.51 -28.11 12.86
C HIS G 154 -1.19 -27.50 12.41
N ASP G 155 -0.26 -27.32 13.36
CA ASP G 155 1.08 -26.77 13.14
C ASP G 155 1.12 -25.33 12.65
N ARG G 156 0.05 -24.57 12.90
CA ARG G 156 0.03 -23.18 12.54
C ARG G 156 0.62 -22.47 13.74
N PRO G 157 1.62 -21.58 13.62
CA PRO G 157 2.09 -20.76 14.74
C PRO G 157 0.97 -19.96 15.40
N LEU G 158 1.05 -19.91 16.73
CA LEU G 158 0.03 -19.20 17.50
C LEU G 158 0.26 -17.69 17.39
N THR G 159 1.50 -17.27 17.21
CA THR G 159 1.84 -15.87 16.94
C THR G 159 2.26 -15.81 15.46
N ASP G 160 1.64 -14.93 14.69
CA ASP G 160 1.88 -14.79 13.25
C ASP G 160 3.32 -14.40 12.93
N CYS G 161 3.83 -15.16 11.98
CA CYS G 161 5.17 -15.03 11.41
C CYS G 161 4.91 -14.47 10.02
N THR G 162 5.01 -13.15 9.89
CA THR G 162 4.64 -12.45 8.68
C THR G 162 5.82 -11.91 7.83
N ILE G 163 5.67 -12.04 6.52
CA ILE G 163 6.58 -11.41 5.57
C ILE G 163 6.12 -9.95 5.49
N VAL G 164 6.74 -9.01 6.19
CA VAL G 164 6.28 -7.63 6.13
C VAL G 164 6.89 -6.90 4.94
N ASN G 165 7.91 -7.43 4.28
CA ASN G 165 8.43 -6.80 3.06
C ASN G 165 9.14 -7.89 2.27
N SER G 166 9.14 -7.82 0.95
CA SER G 166 9.77 -8.81 0.09
C SER G 166 10.18 -8.10 -1.20
N GLY G 167 11.04 -8.71 -1.99
CA GLY G 167 11.47 -8.11 -3.24
C GLY G 167 12.66 -8.86 -3.79
N LYS G 168 13.36 -8.25 -4.74
CA LYS G 168 14.49 -8.91 -5.36
C LYS G 168 15.75 -8.05 -5.22
N ILE G 169 16.89 -8.73 -5.36
CA ILE G 169 18.22 -8.14 -5.33
C ILE G 169 18.88 -8.64 -6.62
N ASP G 170 19.40 -7.75 -7.47
CA ASP G 170 20.01 -8.24 -8.71
C ASP G 170 21.35 -8.88 -8.43
N VAL G 171 21.72 -9.90 -9.20
CA VAL G 171 23.00 -10.59 -9.10
C VAL G 171 23.78 -10.20 -10.37
N LYS G 172 24.82 -9.38 -10.26
CA LYS G 172 25.60 -8.95 -11.44
C LYS G 172 26.30 -10.09 -12.17
N THR G 173 26.85 -11.09 -11.45
CA THR G 173 27.49 -12.21 -12.13
C THR G 173 27.04 -13.44 -11.34
N PRO G 174 26.42 -14.44 -11.95
CA PRO G 174 26.08 -15.71 -11.33
C PRO G 174 27.28 -16.39 -10.63
N PHE G 175 27.00 -17.11 -9.56
CA PHE G 175 28.02 -17.82 -8.82
C PHE G 175 27.50 -19.20 -8.50
N VAL G 176 28.40 -20.17 -8.35
CA VAL G 176 28.06 -21.58 -8.15
C VAL G 176 27.76 -21.97 -6.69
N VAL G 177 26.78 -22.85 -6.52
CA VAL G 177 26.47 -23.47 -5.23
C VAL G 177 26.81 -24.95 -5.49
N GLU G 178 27.88 -25.43 -4.85
CA GLU G 178 28.43 -26.77 -5.04
C GLU G 178 27.47 -27.90 -4.74
N VAL G 179 27.10 -28.80 -5.66
CA VAL G 179 26.24 -29.93 -5.28
C VAL G 179 26.77 -31.24 -5.88
N PRO G 180 26.59 -32.37 -5.18
CA PRO G 180 26.77 -33.72 -5.74
C PRO G 180 25.86 -34.05 -6.91
N ASP G 181 26.47 -34.74 -7.88
CA ASP G 181 25.84 -35.17 -9.14
C ASP G 181 25.38 -33.96 -9.95
N TRP G 182 26.34 -33.18 -10.47
CA TRP G 182 26.00 -32.04 -11.29
C TRP G 182 26.78 -32.01 -12.61
N DAL H 1 2.65 -38.07 8.73
CA DAL H 1 4.09 -38.26 8.59
CB DAL H 1 4.75 -38.65 9.91
C DAL H 1 4.67 -36.93 8.17
O DAL H 1 4.26 -35.91 8.74
H DAL H 1 2.33 -37.70 9.57
N MLE H 2 5.55 -36.82 7.16
CN MLE H 2 5.72 -37.96 6.20
CA MLE H 2 6.16 -35.53 6.87
CB MLE H 2 7.62 -35.66 7.30
CG MLE H 2 7.96 -35.91 8.76
CD1 MLE H 2 9.46 -35.91 8.87
CD2 MLE H 2 7.39 -34.83 9.70
C MLE H 2 6.01 -35.08 5.41
O MLE H 2 6.93 -35.25 4.59
N MLE H 3 4.82 -34.58 5.00
CN MLE H 3 3.63 -34.47 5.93
CA MLE H 3 4.68 -34.15 3.63
CB MLE H 3 3.47 -34.95 3.09
CG MLE H 3 3.55 -36.46 2.94
CD1 MLE H 3 2.47 -36.88 1.98
CD2 MLE H 3 4.87 -36.88 2.32
C MLE H 3 4.52 -32.63 3.52
O MLE H 3 4.42 -31.91 4.54
N MVA H 4 4.54 -32.01 2.32
CN MVA H 4 4.83 -32.75 1.04
CA MVA H 4 4.24 -30.59 2.27
CB MVA H 4 5.51 -29.75 1.91
CG1 MVA H 4 5.21 -28.30 2.26
CG2 MVA H 4 6.75 -30.14 2.73
C MVA H 4 3.13 -30.40 1.20
O MVA H 4 3.43 -30.08 0.04
N BMT H 5 1.86 -30.71 1.57
CN BMT H 5 1.51 -31.02 3.01
CA BMT H 5 0.83 -30.54 0.56
C BMT H 5 0.01 -29.27 0.80
O BMT H 5 0.15 -28.55 1.82
CB BMT H 5 -0.11 -31.78 0.47
OG1 BMT H 5 -0.89 -31.93 1.65
CG2 BMT H 5 0.66 -33.10 0.16
CD1 BMT H 5 1.71 -32.95 -0.97
CD2 BMT H 5 -0.18 -34.38 0.00
CE BMT H 5 -0.99 -34.47 -1.28
CZ BMT H 5 -2.37 -34.14 -1.30
CH BMT H 5 -3.20 -34.27 -2.57
HG1 BMT H 5 -1.54 -32.64 1.53
HE BMT H 5 -0.51 -34.83 -2.20
HZ BMT H 5 -2.86 -33.85 -0.38
N ABA H 6 -0.79 -28.96 -0.23
CA ABA H 6 -1.59 -27.75 -0.23
C ABA H 6 -3.08 -28.11 -0.23
O ABA H 6 -3.69 -28.27 -1.30
CB ABA H 6 -1.19 -26.93 -1.45
CG ABA H 6 0.27 -26.47 -1.42
H ABA H 6 -0.80 -29.56 -1.00
N SAR H 7 -3.75 -28.31 0.91
CA SAR H 7 -5.17 -28.67 0.92
C SAR H 7 -5.42 -29.94 1.71
O SAR H 7 -5.90 -29.82 2.84
CN SAR H 7 -3.15 -28.20 2.28
N MLE H 8 -5.12 -31.15 1.25
CN MLE H 8 -4.54 -31.33 -0.12
CA MLE H 8 -5.33 -32.29 2.13
CB MLE H 8 -6.03 -33.39 1.31
CG MLE H 8 -6.53 -34.59 2.14
CD1 MLE H 8 -7.50 -34.15 3.24
CD2 MLE H 8 -7.18 -35.58 1.17
C MLE H 8 -3.99 -32.75 2.71
O MLE H 8 -3.24 -33.51 2.09
N VAL H 9 -3.69 -32.23 3.89
CA VAL H 9 -2.45 -32.54 4.59
C VAL H 9 -2.50 -33.99 5.08
N MLE H 10 -1.50 -34.86 4.82
CN MLE H 10 -0.22 -34.38 4.17
CA MLE H 10 -1.60 -36.22 5.31
CB MLE H 10 -1.32 -37.14 4.10
CG MLE H 10 -2.13 -36.95 2.81
CD1 MLE H 10 -1.60 -37.90 1.77
CD2 MLE H 10 -3.60 -37.17 3.07
C MLE H 10 -0.68 -36.47 6.50
O MLE H 10 -0.14 -35.55 7.11
N ALA H 11 -0.45 -37.73 6.85
CA ALA H 11 0.35 -38.08 8.03
C ALA H 11 1.82 -38.21 7.70
#